data_5WTC
#
_entry.id   5WTC
#
_cell.length_a   48.630
_cell.length_b   92.700
_cell.length_c   163.850
_cell.angle_alpha   90.00
_cell.angle_beta   90.00
_cell.angle_gamma   90.00
#
_symmetry.space_group_name_H-M   'P 21 21 21'
#
loop_
_entity.id
_entity.type
_entity.pdbx_description
1 polymer 'Poly [ADP-ribose] polymerase 1'
2 non-polymer 1-[[4-fluoranyl-3-[4-[2,2,2-tris(fluoranyl)ethyl]piperazin-1-yl]carbonyl-phenyl]methyl]quinazoline-2,4-dione
#
_entity_poly.entity_id   1
_entity_poly.type   'polypeptide(L)'
_entity_poly.pdbx_seq_one_letter_code
;HMKSKLPKPVQDLIKMIFDVESMKKAMVEYEIDLQKMPLGKLSKRQIQAAYSILSEVQQAVSQGSSDSQILDLSNRFYTL
IPHDFGMKKPPLLNNADSVQAKAEMLDNLLDIEVAYSLLRGGSDDSSKDPIDVNYEKLKTDIKVVDRDSEEAEIIRKYVK
NTHATTHNAYDLEVIDIFKIEREGECQRYKPFKQLHNRRLLWHGSRTTNFAGILSQGLRIAPPEAPVTGYMFGKGIYFAD
MVSKSANYCHTSQGDPIGLILLGEVALGNMYELKHASHISKLPKGKHSVKGLGKTTPDPSANISLDGVDVPLGTGISSGV
NDTSLLYNEYIVYDIAQVNLKYLLKLKFNFKT
;
_entity_poly.pdbx_strand_id   A,B
#
# COMPACT_ATOMS: atom_id res chain seq x y z
N HIS A 1 -11.98 -16.50 51.53
CA HIS A 1 -12.74 -15.28 51.10
C HIS A 1 -14.22 -15.58 50.87
N MET A 2 -15.02 -14.52 50.67
CA MET A 2 -16.49 -14.60 50.55
C MET A 2 -17.02 -15.51 49.40
N LYS A 3 -16.17 -15.90 48.43
CA LYS A 3 -16.40 -17.03 47.47
C LYS A 3 -17.05 -16.70 46.08
N SER A 4 -17.66 -15.54 45.93
CA SER A 4 -18.08 -14.95 44.58
C SER A 4 -19.39 -15.46 43.98
N LYS A 5 -20.27 -14.51 43.73
CA LYS A 5 -21.63 -14.80 43.34
C LYS A 5 -21.82 -14.73 41.82
N LEU A 6 -20.77 -14.36 41.09
CA LEU A 6 -20.79 -14.33 39.63
C LEU A 6 -21.06 -15.72 39.08
N PRO A 7 -21.88 -15.83 38.02
CA PRO A 7 -22.07 -17.07 37.25
C PRO A 7 -20.78 -17.77 36.89
N LYS A 8 -20.77 -19.11 36.92
CA LYS A 8 -19.54 -19.90 36.67
C LYS A 8 -18.84 -19.45 35.37
N PRO A 9 -19.60 -19.34 34.26
CA PRO A 9 -18.95 -18.91 33.01
C PRO A 9 -18.31 -17.53 33.09
N VAL A 10 -18.89 -16.58 33.80
CA VAL A 10 -18.25 -15.28 33.96
C VAL A 10 -16.98 -15.42 34.78
N GLN A 11 -17.02 -16.23 35.83
CA GLN A 11 -15.80 -16.51 36.59
C GLN A 11 -14.71 -17.16 35.72
N ASP A 12 -15.10 -18.11 34.89
CA ASP A 12 -14.08 -18.79 34.03
C ASP A 12 -13.54 -17.83 32.98
N LEU A 13 -14.39 -16.94 32.50
CA LEU A 13 -13.92 -15.88 31.63
C LEU A 13 -12.85 -14.97 32.31
N ILE A 14 -13.07 -14.59 33.55
CA ILE A 14 -12.13 -13.68 34.24
C ILE A 14 -10.80 -14.40 34.51
N LYS A 15 -10.90 -15.69 34.85
CA LYS A 15 -9.73 -16.59 35.01
C LYS A 15 -8.91 -16.60 33.75
N MET A 16 -9.52 -16.87 32.59
CA MET A 16 -8.74 -16.90 31.33
C MET A 16 -8.10 -15.54 31.06
N ILE A 17 -8.87 -14.46 31.12
CA ILE A 17 -8.30 -13.20 30.64
C ILE A 17 -7.22 -12.61 31.50
N PHE A 18 -7.23 -12.90 32.80
CA PHE A 18 -6.19 -12.35 33.66
C PHE A 18 -5.04 -13.33 33.97
N ASP A 19 -4.98 -14.44 33.25
CA ASP A 19 -3.97 -15.46 33.49
C ASP A 19 -2.52 -15.02 33.14
N VAL A 20 -1.67 -14.85 34.15
CA VAL A 20 -0.31 -14.33 33.98
C VAL A 20 0.57 -15.21 33.07
N GLU A 21 0.43 -16.52 33.26
CA GLU A 21 1.22 -17.49 32.51
C GLU A 21 0.85 -17.45 31.04
N SER A 22 -0.43 -17.30 30.73
CA SER A 22 -0.83 -17.08 29.33
C SER A 22 -0.16 -15.84 28.73
N MET A 23 -0.07 -14.77 29.52
CA MET A 23 0.63 -13.56 29.07
C MET A 23 2.08 -13.89 28.73
N LYS A 24 2.78 -14.56 29.61
CA LYS A 24 4.14 -14.94 29.33
C LYS A 24 4.23 -15.87 28.11
N LYS A 25 3.32 -16.83 28.01
CA LYS A 25 3.32 -17.70 26.85
C LYS A 25 3.20 -16.93 25.54
N ALA A 26 2.33 -15.93 25.48
CA ALA A 26 2.23 -15.11 24.30
C ALA A 26 3.54 -14.38 24.00
N MET A 27 4.14 -13.79 25.02
CA MET A 27 5.42 -13.10 24.84
C MET A 27 6.49 -14.07 24.27
N VAL A 28 6.69 -15.24 24.87
CA VAL A 28 7.70 -16.15 24.25
C VAL A 28 7.31 -16.60 22.82
N GLU A 29 6.03 -16.68 22.52
CA GLU A 29 5.57 -16.96 21.17
C GLU A 29 5.99 -15.95 20.14
N TYR A 30 6.27 -14.73 20.58
CA TYR A 30 6.77 -13.67 19.70
C TYR A 30 8.29 -13.50 19.73
N GLU A 31 8.95 -14.38 20.47
CA GLU A 31 10.42 -14.50 20.53
C GLU A 31 11.05 -13.51 21.46
N ILE A 32 10.24 -12.87 22.31
CA ILE A 32 10.78 -12.03 23.37
C ILE A 32 11.55 -12.88 24.36
N ASP A 33 12.62 -12.30 24.93
CA ASP A 33 13.37 -12.87 25.98
C ASP A 33 12.86 -12.40 27.34
N LEU A 34 12.13 -13.28 28.01
CA LEU A 34 11.59 -13.01 29.37
C LEU A 34 12.55 -12.73 30.53
N GLN A 35 13.76 -13.27 30.48
CA GLN A 35 14.84 -12.84 31.39
C GLN A 35 15.22 -11.33 31.13
N LYS A 36 15.39 -10.94 29.87
CA LYS A 36 15.74 -9.54 29.62
C LYS A 36 14.51 -8.61 29.66
N MET A 37 13.32 -9.12 29.32
CA MET A 37 12.12 -8.29 29.27
C MET A 37 10.97 -9.04 29.94
N PRO A 38 10.97 -9.08 31.30
CA PRO A 38 9.88 -9.73 31.96
C PRO A 38 8.62 -8.89 31.87
N LEU A 39 7.54 -9.57 32.15
CA LEU A 39 6.20 -9.05 32.11
C LEU A 39 6.09 -7.80 32.96
N GLY A 40 6.64 -7.85 34.16
CA GLY A 40 6.61 -6.70 35.07
C GLY A 40 7.42 -5.49 34.70
N LYS A 41 8.39 -5.67 33.82
CA LYS A 41 9.19 -4.55 33.28
C LYS A 41 8.70 -3.89 31.99
N LEU A 42 7.72 -4.52 31.38
CA LEU A 42 7.00 -3.89 30.28
C LEU A 42 6.44 -2.56 30.65
N SER A 43 6.63 -1.56 29.76
CA SER A 43 6.02 -0.23 29.93
C SER A 43 5.62 0.39 28.60
N LYS A 44 4.72 1.35 28.69
CA LYS A 44 4.20 2.05 27.51
C LYS A 44 5.23 2.76 26.72
N ARG A 45 6.11 3.48 27.41
CA ARG A 45 7.07 4.31 26.70
C ARG A 45 8.08 3.42 26.01
N GLN A 46 8.34 2.24 26.53
CA GLN A 46 9.24 1.31 25.84
C GLN A 46 8.59 0.72 24.56
N ILE A 47 7.32 0.34 24.63
CA ILE A 47 6.56 -0.13 23.46
C ILE A 47 6.53 0.99 22.38
N GLN A 48 6.24 2.22 22.82
CA GLN A 48 6.17 3.37 21.90
C GLN A 48 7.47 3.67 21.19
N ALA A 49 8.57 3.55 21.91
CA ALA A 49 9.86 3.83 21.33
C ALA A 49 10.22 2.71 20.32
N ALA A 50 9.79 1.51 20.63
CA ALA A 50 9.95 0.36 19.73
C ALA A 50 9.13 0.55 18.47
N TYR A 51 7.86 0.95 18.62
CA TYR A 51 7.09 1.40 17.48
C TYR A 51 7.80 2.49 16.63
N SER A 52 8.40 3.49 17.26
CA SER A 52 9.20 4.48 16.51
C SER A 52 10.35 3.94 15.69
N ILE A 53 11.14 3.10 16.30
CA ILE A 53 12.22 2.48 15.59
C ILE A 53 11.70 1.64 14.42
N LEU A 54 10.52 1.01 14.61
CA LEU A 54 9.96 0.24 13.53
C LEU A 54 9.50 1.15 12.42
N SER A 55 9.04 2.36 12.73
CA SER A 55 8.77 3.43 11.73
C SER A 55 10.06 3.90 11.01
N GLU A 56 11.18 3.96 11.72
CA GLU A 56 12.49 4.21 11.07
C GLU A 56 12.81 3.08 10.08
N VAL A 57 12.66 1.83 10.52
CA VAL A 57 12.94 0.66 9.63
C VAL A 57 12.02 0.71 8.40
N GLN A 58 10.75 1.04 8.60
CA GLN A 58 9.79 1.26 7.49
C GLN A 58 10.24 2.29 6.44
N GLN A 59 10.78 3.41 6.91
CA GLN A 59 11.32 4.49 6.06
C GLN A 59 12.45 3.96 5.18
N ALA A 60 13.42 3.31 5.81
CA ALA A 60 14.57 2.76 5.12
C ALA A 60 14.18 1.66 4.14
N VAL A 61 13.21 0.82 4.47
CA VAL A 61 12.72 -0.20 3.53
C VAL A 61 12.05 0.42 2.30
N SER A 62 11.16 1.40 2.53
CA SER A 62 10.51 2.14 1.45
C SER A 62 11.48 2.71 0.43
N GLN A 63 12.56 3.31 0.89
CA GLN A 63 13.57 3.85 0.01
C GLN A 63 14.80 2.95 -0.30
N GLY A 64 14.66 1.61 -0.20
CA GLY A 64 15.70 0.65 -0.64
C GLY A 64 17.05 0.79 0.04
N SER A 66 19.44 -0.64 1.72
CA SER A 66 20.57 -1.58 1.64
C SER A 66 20.59 -2.50 2.88
N ASP A 67 20.96 -3.77 2.75
CA ASP A 67 21.18 -4.67 3.94
C ASP A 67 22.19 -4.10 4.95
N SER A 68 23.19 -3.34 4.48
CA SER A 68 24.13 -2.57 5.33
C SER A 68 23.58 -1.33 6.08
N GLN A 69 22.92 -0.37 5.41
CA GLN A 69 22.37 0.82 6.14
C GLN A 69 21.18 0.43 7.03
N ILE A 70 20.51 -0.66 6.68
CA ILE A 70 19.42 -1.24 7.48
C ILE A 70 19.91 -1.90 8.78
N LEU A 71 21.11 -2.50 8.78
CA LEU A 71 21.60 -3.24 9.96
C LEU A 71 21.49 -2.42 11.21
N ASP A 72 21.81 -1.13 11.12
CA ASP A 72 21.81 -0.27 12.28
C ASP A 72 20.40 -0.10 12.83
N LEU A 73 19.41 0.02 11.94
CA LEU A 73 18.02 0.26 12.32
C LEU A 73 17.40 -0.98 12.97
N SER A 74 17.66 -2.12 12.34
CA SER A 74 17.29 -3.42 12.82
C SER A 74 17.80 -3.71 14.22
N ASN A 75 19.10 -3.50 14.40
CA ASN A 75 19.72 -3.63 15.73
C ASN A 75 19.11 -2.74 16.81
N ARG A 76 18.71 -1.53 16.44
CA ARG A 76 18.11 -0.64 17.46
C ARG A 76 16.81 -1.17 17.97
N PHE A 77 16.09 -1.89 17.10
CA PHE A 77 14.80 -2.47 17.47
C PHE A 77 15.06 -3.55 18.48
N TYR A 78 15.96 -4.46 18.18
CA TYR A 78 16.38 -5.48 19.18
C TYR A 78 16.96 -4.99 20.49
N THR A 79 17.57 -3.80 20.47
CA THR A 79 18.01 -3.18 21.70
C THR A 79 16.84 -2.82 22.61
N LEU A 80 15.75 -2.33 22.00
CA LEU A 80 14.58 -1.84 22.75
C LEU A 80 13.65 -2.97 23.25
N ILE A 81 13.50 -4.00 22.42
CA ILE A 81 12.68 -5.14 22.77
C ILE A 81 13.57 -6.38 22.66
N PRO A 82 14.11 -6.84 23.81
CA PRO A 82 15.03 -8.02 23.82
C PRO A 82 14.38 -9.30 23.34
N HIS A 83 15.04 -9.91 22.37
CA HIS A 83 14.62 -11.16 21.81
C HIS A 83 15.51 -12.31 22.28
N ASP A 84 14.98 -13.51 22.10
CA ASP A 84 15.55 -14.72 22.66
C ASP A 84 16.45 -15.38 21.59
N PHE A 85 17.67 -14.87 21.43
CA PHE A 85 18.58 -15.45 20.44
C PHE A 85 19.94 -15.92 20.99
N GLY A 86 20.12 -15.97 22.32
CA GLY A 86 21.38 -16.50 22.91
C GLY A 86 22.58 -15.59 22.66
N MET A 87 23.71 -16.13 22.18
CA MET A 87 24.90 -15.32 21.76
C MET A 87 25.02 -15.18 20.23
N LYS A 88 23.91 -15.50 19.57
CA LYS A 88 23.21 -14.77 18.47
C LYS A 88 23.82 -14.25 17.17
N LYS A 89 23.61 -12.96 16.92
CA LYS A 89 23.19 -12.35 15.64
C LYS A 89 21.74 -12.70 15.34
N PRO A 90 20.84 -11.74 15.67
CA PRO A 90 19.41 -11.92 15.39
C PRO A 90 19.16 -11.75 13.91
N PRO A 91 17.99 -12.20 13.42
CA PRO A 91 17.68 -12.02 12.02
C PRO A 91 17.46 -10.54 11.68
N LEU A 92 17.89 -10.17 10.48
CA LEU A 92 17.78 -8.82 9.95
C LEU A 92 16.36 -8.42 9.64
N LEU A 93 15.91 -7.26 10.11
CA LEU A 93 14.60 -6.74 9.77
C LEU A 93 14.80 -5.82 8.56
N ASN A 94 14.57 -6.35 7.36
CA ASN A 94 14.89 -5.66 6.10
C ASN A 94 13.77 -5.59 5.08
N ASN A 95 12.55 -5.98 5.48
CA ASN A 95 11.45 -5.89 4.56
C ASN A 95 10.10 -5.58 5.20
N ALA A 96 9.10 -5.48 4.36
CA ALA A 96 7.75 -5.15 4.75
C ALA A 96 7.19 -6.25 5.70
N ASP A 97 7.52 -7.50 5.40
CA ASP A 97 7.06 -8.62 6.22
C ASP A 97 7.52 -8.54 7.66
N SER A 98 8.79 -8.18 7.85
CA SER A 98 9.37 -7.90 9.16
C SER A 98 8.67 -6.76 9.91
N VAL A 99 8.36 -5.67 9.22
CA VAL A 99 7.65 -4.55 9.86
C VAL A 99 6.21 -4.93 10.31
N GLN A 100 5.49 -5.66 9.46
CA GLN A 100 4.17 -6.17 9.80
C GLN A 100 4.30 -7.11 11.00
N ALA A 101 5.22 -8.07 10.91
CA ALA A 101 5.36 -9.04 12.00
C ALA A 101 5.70 -8.37 13.33
N LYS A 102 6.64 -7.46 13.37
CA LYS A 102 6.94 -6.82 14.66
C LYS A 102 5.84 -5.86 15.14
N ALA A 103 5.17 -5.19 14.23
CA ALA A 103 4.10 -4.28 14.60
C ALA A 103 2.98 -5.06 15.31
N GLU A 104 2.64 -6.23 14.79
CA GLU A 104 1.72 -7.13 15.46
C GLU A 104 2.15 -7.53 16.85
N MET A 105 3.42 -7.89 16.99
CA MET A 105 3.96 -8.19 18.27
C MET A 105 3.78 -7.02 19.24
N LEU A 106 4.15 -5.78 18.84
CA LEU A 106 3.97 -4.60 19.67
C LEU A 106 2.52 -4.32 20.00
N ASP A 107 1.59 -4.51 19.06
CA ASP A 107 0.15 -4.39 19.37
C ASP A 107 -0.27 -5.25 20.59
N ASN A 108 0.17 -6.51 20.54
CA ASN A 108 -0.15 -7.44 21.61
C ASN A 108 0.47 -7.02 22.95
N LEU A 109 1.72 -6.51 22.94
CA LEU A 109 2.40 -6.08 24.16
C LEU A 109 1.64 -4.91 24.74
N LEU A 110 1.13 -4.02 23.88
CA LEU A 110 0.33 -2.91 24.35
C LEU A 110 -0.89 -3.39 25.19
N ASP A 111 -1.64 -4.39 24.73
CA ASP A 111 -2.72 -4.92 25.56
C ASP A 111 -2.24 -5.70 26.78
N ILE A 112 -1.22 -6.50 26.64
CA ILE A 112 -0.69 -7.26 27.80
C ILE A 112 -0.18 -6.31 28.92
N GLU A 113 0.51 -5.24 28.56
CA GLU A 113 0.91 -4.21 29.53
C GLU A 113 -0.31 -3.63 30.27
N VAL A 114 -1.38 -3.33 29.53
CA VAL A 114 -2.60 -2.91 30.21
C VAL A 114 -3.07 -4.00 31.20
N ALA A 115 -3.17 -5.25 30.77
CA ALA A 115 -3.68 -6.29 31.68
C ALA A 115 -2.82 -6.36 32.94
N TYR A 116 -1.52 -6.40 32.73
CA TYR A 116 -0.64 -6.51 33.88
C TYR A 116 -0.71 -5.28 34.79
N SER A 117 -0.90 -4.08 34.24
CA SER A 117 -1.00 -2.89 35.11
C SER A 117 -2.26 -2.91 35.95
N LEU A 118 -3.34 -3.51 35.47
CA LEU A 118 -4.55 -3.59 36.29
C LEU A 118 -4.30 -4.57 37.46
N LEU A 119 -3.56 -5.63 37.18
CA LEU A 119 -3.27 -6.62 38.18
C LEU A 119 -2.39 -6.07 39.30
N ARG A 120 -1.46 -5.18 38.98
CA ARG A 120 -0.49 -4.67 39.91
C ARG A 120 -0.84 -3.23 40.50
N GLY A 121 -1.77 -2.50 39.86
CA GLY A 121 -2.31 -1.27 40.44
C GLY A 121 -3.19 -1.90 41.53
N GLY A 122 -4.14 -1.21 42.01
CA GLY A 122 -5.14 -1.90 42.82
C GLY A 122 -4.73 -2.21 44.24
N SER A 123 -5.70 -2.71 44.98
CA SER A 123 -5.57 -2.98 46.40
C SER A 123 -5.53 -4.48 46.64
N ASP A 124 -5.07 -4.86 47.83
CA ASP A 124 -4.94 -6.26 48.18
C ASP A 124 -5.81 -6.54 49.43
N ASP A 125 -6.82 -7.40 49.29
CA ASP A 125 -7.73 -7.74 50.36
C ASP A 125 -8.11 -9.23 50.28
N SER A 126 -7.52 -10.05 51.15
CA SER A 126 -7.69 -11.51 51.08
C SER A 126 -9.08 -11.98 51.47
N SER A 127 -9.90 -11.12 52.08
CA SER A 127 -11.29 -11.48 52.30
C SER A 127 -12.15 -11.35 51.05
N LYS A 128 -11.62 -10.84 49.93
CA LYS A 128 -12.41 -10.76 48.70
C LYS A 128 -11.93 -11.85 47.78
N ASP A 129 -12.85 -12.39 47.01
CA ASP A 129 -12.51 -13.34 45.97
C ASP A 129 -11.78 -12.58 44.89
N PRO A 130 -10.54 -12.97 44.56
CA PRO A 130 -9.87 -12.20 43.53
C PRO A 130 -10.61 -12.22 42.16
N ILE A 131 -11.49 -13.19 41.93
CA ILE A 131 -12.34 -13.22 40.74
C ILE A 131 -13.18 -11.96 40.70
N ASP A 132 -13.80 -11.65 41.83
CA ASP A 132 -14.59 -10.46 42.00
C ASP A 132 -13.75 -9.19 41.85
N VAL A 133 -12.56 -9.17 42.48
CA VAL A 133 -11.63 -8.03 42.40
C VAL A 133 -11.29 -7.77 40.91
N ASN A 134 -10.96 -8.81 40.19
CA ASN A 134 -10.52 -8.63 38.81
C ASN A 134 -11.66 -8.26 37.89
N TYR A 135 -12.82 -8.84 38.07
CA TYR A 135 -13.99 -8.47 37.28
C TYR A 135 -14.20 -6.98 37.30
N GLU A 136 -14.15 -6.41 38.51
CA GLU A 136 -14.41 -4.96 38.70
C GLU A 136 -13.47 -4.06 37.96
N LYS A 137 -12.22 -4.49 37.82
CA LYS A 137 -11.22 -3.75 37.06
C LYS A 137 -11.51 -3.60 35.59
N LEU A 138 -12.35 -4.46 35.03
CA LEU A 138 -12.77 -4.36 33.63
C LEU A 138 -13.76 -3.25 33.32
N LYS A 139 -14.41 -2.71 34.35
CA LYS A 139 -15.42 -1.66 34.20
C LYS A 139 -16.40 -1.95 33.03
N THR A 140 -16.87 -3.19 33.02
CA THR A 140 -17.66 -3.77 31.99
C THR A 140 -18.69 -4.63 32.68
N ASP A 141 -19.96 -4.40 32.41
CA ASP A 141 -20.98 -5.33 32.86
C ASP A 141 -20.97 -6.55 31.94
N ILE A 142 -20.87 -7.74 32.50
CA ILE A 142 -20.91 -9.01 31.73
C ILE A 142 -22.00 -9.92 32.24
N LYS A 143 -22.93 -10.28 31.38
CA LYS A 143 -24.01 -11.20 31.72
C LYS A 143 -23.97 -12.40 30.79
N VAL A 144 -24.51 -13.53 31.23
CA VAL A 144 -24.59 -14.72 30.40
C VAL A 144 -25.87 -14.59 29.57
N VAL A 145 -25.76 -14.74 28.26
CA VAL A 145 -26.93 -14.81 27.44
C VAL A 145 -27.48 -16.25 27.50
N ASP A 146 -28.78 -16.32 27.75
CA ASP A 146 -29.49 -17.60 27.82
C ASP A 146 -29.52 -18.34 26.46
N ARG A 147 -29.26 -19.64 26.49
CA ARG A 147 -29.22 -20.47 25.29
C ARG A 147 -30.53 -20.48 24.48
N ASP A 148 -31.67 -20.34 25.14
CA ASP A 148 -32.98 -20.38 24.47
C ASP A 148 -33.53 -19.05 23.98
N SER A 149 -32.82 -17.96 24.27
CA SER A 149 -33.27 -16.65 23.82
C SER A 149 -33.10 -16.48 22.30
N GLU A 150 -33.72 -15.41 21.83
CA GLU A 150 -33.71 -15.04 20.43
C GLU A 150 -32.35 -14.55 20.00
N GLU A 151 -31.68 -13.77 20.84
CA GLU A 151 -30.35 -13.26 20.53
C GLU A 151 -29.32 -14.41 20.44
N ALA A 152 -29.44 -15.39 21.33
CA ALA A 152 -28.60 -16.60 21.25
C ALA A 152 -28.73 -17.36 19.97
N GLU A 153 -29.98 -17.52 19.51
CA GLU A 153 -30.32 -18.28 18.26
C GLU A 153 -29.71 -17.55 17.01
N ILE A 154 -29.84 -16.24 16.98
CA ILE A 154 -29.26 -15.43 15.90
C ILE A 154 -27.71 -15.51 15.88
N ILE A 155 -27.08 -15.40 17.05
CA ILE A 155 -25.63 -15.46 17.15
C ILE A 155 -25.13 -16.81 16.73
N ARG A 156 -25.77 -17.88 17.22
CA ARG A 156 -25.38 -19.23 16.80
C ARG A 156 -25.54 -19.48 15.29
N LYS A 157 -26.57 -18.90 14.66
CA LYS A 157 -26.72 -18.98 13.24
C LYS A 157 -25.61 -18.21 12.50
N TYR A 158 -25.12 -17.12 13.08
CA TYR A 158 -24.08 -16.29 12.47
C TYR A 158 -22.79 -17.10 12.41
N VAL A 159 -22.48 -17.70 13.55
CA VAL A 159 -21.38 -18.64 13.65
C VAL A 159 -21.54 -19.82 12.69
N LYS A 160 -22.70 -20.49 12.76
CA LYS A 160 -23.03 -21.65 11.90
C LYS A 160 -22.88 -21.37 10.38
N ASN A 161 -23.29 -20.20 9.91
CA ASN A 161 -23.35 -19.92 8.46
C ASN A 161 -22.11 -19.29 7.82
N THR A 162 -21.19 -18.75 8.61
CA THR A 162 -20.10 -17.93 8.04
C THR A 162 -18.69 -18.47 8.26
N HIS A 163 -18.60 -19.79 8.35
CA HIS A 163 -17.32 -20.47 8.44
C HIS A 163 -16.89 -20.73 6.99
N ALA A 164 -15.82 -20.05 6.55
CA ALA A 164 -15.30 -20.17 5.17
C ALA A 164 -14.78 -21.58 4.92
N THR A 165 -15.09 -22.12 3.75
CA THR A 165 -14.46 -23.38 3.28
C THR A 165 -12.94 -23.38 3.30
N THR A 166 -12.30 -22.25 3.02
CA THR A 166 -10.81 -22.24 3.04
C THR A 166 -10.19 -22.27 4.48
N HIS A 167 -11.04 -22.24 5.49
CA HIS A 167 -10.64 -22.30 6.89
C HIS A 167 -11.18 -23.58 7.51
N ASN A 168 -11.36 -24.61 6.67
CA ASN A 168 -11.98 -25.82 7.15
C ASN A 168 -11.05 -26.73 7.97
N ALA A 169 -9.81 -26.32 8.23
CA ALA A 169 -8.91 -27.08 9.10
C ALA A 169 -9.45 -27.26 10.56
N TYR A 170 -10.45 -26.45 10.96
CA TYR A 170 -11.05 -26.56 12.24
C TYR A 170 -12.52 -26.23 12.13
N ASP A 171 -13.35 -26.58 13.11
CA ASP A 171 -14.66 -25.91 13.26
C ASP A 171 -14.81 -25.46 14.72
N LEU A 172 -15.87 -24.72 14.94
CA LEU A 172 -16.13 -23.99 16.16
C LEU A 172 -17.39 -24.45 16.87
N GLU A 173 -17.32 -24.61 18.17
CA GLU A 173 -18.56 -24.67 18.96
C GLU A 173 -18.57 -23.47 19.88
N VAL A 174 -19.76 -22.90 20.02
CA VAL A 174 -20.00 -21.79 20.89
C VAL A 174 -20.16 -22.41 22.28
N ILE A 175 -19.27 -22.11 23.22
CA ILE A 175 -19.38 -22.59 24.63
C ILE A 175 -20.25 -21.64 25.45
N ASP A 176 -19.91 -20.36 25.48
CA ASP A 176 -20.72 -19.38 26.25
C ASP A 176 -20.87 -18.12 25.42
N ILE A 177 -22.05 -17.48 25.52
CA ILE A 177 -22.32 -16.21 24.89
C ILE A 177 -22.55 -15.22 26.05
N PHE A 178 -21.80 -14.13 26.06
CA PHE A 178 -21.94 -13.10 27.07
C PHE A 178 -22.39 -11.80 26.39
N LYS A 179 -23.18 -11.02 27.09
CA LYS A 179 -23.58 -9.70 26.68
C LYS A 179 -22.78 -8.72 27.54
N ILE A 180 -22.16 -7.76 26.89
CA ILE A 180 -21.18 -6.91 27.50
C ILE A 180 -21.53 -5.47 27.22
N GLU A 181 -21.23 -4.66 28.22
CA GLU A 181 -21.54 -3.27 28.25
C GLU A 181 -20.40 -2.59 28.98
N ARG A 182 -19.54 -1.99 28.19
CA ARG A 182 -18.38 -1.32 28.68
C ARG A 182 -18.85 0.02 29.22
N GLU A 183 -18.33 0.44 30.37
CA GLU A 183 -18.80 1.67 31.03
C GLU A 183 -18.48 2.90 30.17
N GLY A 184 -19.52 3.69 29.89
CA GLY A 184 -19.34 4.91 29.15
C GLY A 184 -19.39 4.73 27.64
N GLU A 185 -19.53 3.50 27.17
CA GLU A 185 -19.31 3.27 25.72
C GLU A 185 -20.58 3.62 24.95
N CYS A 186 -21.75 3.36 25.57
CA CYS A 186 -23.05 3.74 24.98
C CYS A 186 -23.10 5.28 24.71
N GLN A 187 -22.53 6.02 25.66
CA GLN A 187 -22.43 7.47 25.65
C GLN A 187 -21.46 7.95 24.54
N ARG A 188 -20.28 7.33 24.46
CA ARG A 188 -19.31 7.60 23.40
C ARG A 188 -19.84 7.39 21.96
N TYR A 189 -20.70 6.39 21.80
CA TYR A 189 -21.24 5.98 20.50
C TYR A 189 -22.45 6.82 20.04
N LYS A 190 -23.00 7.63 20.97
CA LYS A 190 -24.21 8.40 20.71
C LYS A 190 -24.26 9.10 19.34
N PRO A 191 -23.23 9.88 18.96
CA PRO A 191 -23.20 10.46 17.62
C PRO A 191 -23.47 9.50 16.43
N PHE A 192 -23.13 8.22 16.59
CA PHE A 192 -23.20 7.25 15.49
C PHE A 192 -24.34 6.31 15.67
N LYS A 193 -25.12 6.46 16.74
CA LYS A 193 -26.04 5.43 17.06
C LYS A 193 -27.14 5.31 16.05
N GLN A 194 -27.38 6.36 15.26
CA GLN A 194 -28.39 6.38 14.19
C GLN A 194 -27.84 6.41 12.74
N LEU A 195 -26.53 6.27 12.59
CA LEU A 195 -25.90 6.32 11.25
C LEU A 195 -26.38 5.16 10.40
N HIS A 196 -26.42 5.34 9.08
CA HIS A 196 -26.79 4.24 8.19
C HIS A 196 -25.68 3.25 8.18
N ASN A 197 -25.96 2.04 7.72
CA ASN A 197 -24.98 1.00 7.62
C ASN A 197 -24.26 0.69 8.97
N ARG A 198 -25.06 0.43 9.99
CA ARG A 198 -24.56 -0.07 11.25
C ARG A 198 -24.64 -1.58 11.10
N ARG A 199 -23.52 -2.26 11.34
CA ARG A 199 -23.45 -3.74 11.17
C ARG A 199 -22.86 -4.45 12.37
N LEU A 200 -23.40 -5.62 12.67
CA LEU A 200 -22.89 -6.43 13.72
C LEU A 200 -21.80 -7.33 13.11
N LEU A 201 -20.55 -7.17 13.58
CA LEU A 201 -19.39 -7.78 12.97
C LEU A 201 -18.47 -8.37 14.02
N TRP A 202 -17.66 -9.28 13.52
CA TRP A 202 -16.70 -10.06 14.33
C TRP A 202 -15.34 -9.36 14.50
N HIS A 203 -14.76 -9.49 15.70
CA HIS A 203 -13.38 -9.16 15.99
C HIS A 203 -12.72 -10.22 16.91
N GLY A 204 -11.73 -10.90 16.34
CA GLY A 204 -11.03 -11.99 17.02
C GLY A 204 -9.69 -11.48 17.46
N SER A 205 -9.24 -11.95 18.61
CA SER A 205 -7.92 -11.54 19.12
C SER A 205 -7.47 -12.57 20.09
N ARG A 206 -6.21 -12.55 20.40
CA ARG A 206 -5.80 -13.60 21.32
C ARG A 206 -6.32 -13.27 22.75
N THR A 207 -6.59 -14.34 23.48
CA THR A 207 -7.20 -14.23 24.77
C THR A 207 -6.45 -13.29 25.71
N THR A 208 -5.15 -13.17 25.55
CA THR A 208 -4.34 -12.28 26.37
C THR A 208 -4.48 -10.80 26.06
N ASN A 209 -5.27 -10.44 25.06
CA ASN A 209 -5.55 -9.05 24.77
C ASN A 209 -6.83 -8.59 25.40
N PHE A 210 -7.62 -9.51 25.94
CA PHE A 210 -9.04 -9.19 26.27
C PHE A 210 -9.28 -8.31 27.47
N ALA A 211 -8.35 -8.35 28.41
CA ALA A 211 -8.46 -7.48 29.54
C ALA A 211 -8.29 -6.03 29.11
N GLY A 212 -7.32 -5.80 28.22
CA GLY A 212 -7.13 -4.52 27.62
C GLY A 212 -8.29 -4.04 26.80
N ILE A 213 -8.86 -4.93 26.00
CA ILE A 213 -9.97 -4.54 25.13
C ILE A 213 -11.18 -4.20 26.01
N LEU A 214 -11.47 -5.00 27.01
CA LEU A 214 -12.61 -4.69 27.78
C LEU A 214 -12.38 -3.46 28.68
N SER A 215 -11.19 -3.21 29.23
CA SER A 215 -11.06 -1.97 30.04
C SER A 215 -10.97 -0.73 29.16
N GLN A 216 -10.26 -0.82 28.03
CA GLN A 216 -10.01 0.37 27.22
C GLN A 216 -10.86 0.44 25.97
N GLY A 217 -11.60 -0.62 25.64
CA GLY A 217 -12.28 -0.71 24.37
C GLY A 217 -11.26 -1.04 23.30
N LEU A 218 -11.79 -1.37 22.12
CA LEU A 218 -10.92 -1.54 20.96
C LEU A 218 -10.35 -0.18 20.66
N ARG A 219 -9.08 -0.16 20.33
CA ARG A 219 -8.28 1.04 20.21
C ARG A 219 -7.58 0.99 18.88
N ILE A 220 -7.10 2.14 18.46
CA ILE A 220 -6.29 2.27 17.27
C ILE A 220 -4.80 2.17 17.63
N ALA A 221 -3.98 1.57 16.77
CA ALA A 221 -2.54 1.54 17.00
C ALA A 221 -2.06 3.01 17.11
N PRO A 222 -1.09 3.29 17.96
CA PRO A 222 -0.75 4.70 18.23
C PRO A 222 -0.03 5.46 17.11
N PRO A 223 0.11 6.80 17.23
CA PRO A 223 0.88 7.58 16.27
C PRO A 223 2.23 6.99 15.86
N GLU A 224 2.99 6.50 16.82
CA GLU A 224 4.36 5.97 16.60
C GLU A 224 4.42 4.71 15.72
N ALA A 225 3.33 3.95 15.74
CA ALA A 225 3.25 2.73 15.01
C ALA A 225 3.37 2.93 13.49
N PRO A 226 4.09 2.05 12.80
CA PRO A 226 4.23 2.20 11.33
C PRO A 226 2.92 1.93 10.55
N VAL A 227 2.43 2.94 9.86
CA VAL A 227 1.18 2.82 9.16
C VAL A 227 1.18 1.66 8.14
N THR A 228 2.36 1.41 7.59
CA THR A 228 2.60 0.37 6.59
C THR A 228 2.48 -1.05 7.13
N GLY A 229 2.53 -1.19 8.45
CA GLY A 229 2.35 -2.50 9.09
C GLY A 229 0.92 -3.00 9.09
N TYR A 230 -0.02 -2.20 8.61
CA TYR A 230 -1.45 -2.48 8.64
C TYR A 230 -2.01 -2.23 7.23
N MET A 231 -2.66 -3.24 6.69
CA MET A 231 -3.07 -3.25 5.29
C MET A 231 -3.90 -2.07 4.86
N PHE A 232 -4.77 -1.57 5.71
CA PHE A 232 -5.62 -0.44 5.43
C PHE A 232 -5.32 0.65 6.48
N GLY A 233 -4.11 0.68 6.97
CA GLY A 233 -3.68 1.70 7.95
C GLY A 233 -4.19 1.40 9.35
N LYS A 234 -4.08 2.40 10.20
CA LYS A 234 -4.26 2.21 11.65
C LYS A 234 -5.70 2.45 12.07
N GLY A 235 -6.50 1.41 11.99
CA GLY A 235 -7.92 1.47 12.30
C GLY A 235 -8.25 0.25 13.15
N ILE A 236 -9.53 0.01 13.33
CA ILE A 236 -10.00 -1.18 14.09
C ILE A 236 -10.68 -2.02 13.03
N TYR A 237 -10.29 -3.29 12.96
CA TYR A 237 -10.63 -4.19 11.85
C TYR A 237 -11.68 -5.24 12.24
N PHE A 238 -12.69 -5.46 11.38
CA PHE A 238 -13.71 -6.45 11.63
C PHE A 238 -13.96 -7.34 10.44
N ALA A 239 -14.55 -8.52 10.69
CA ALA A 239 -14.99 -9.36 9.58
C ALA A 239 -16.48 -9.67 9.64
N ASP A 240 -17.06 -10.02 8.48
CA ASP A 240 -18.41 -10.67 8.44
C ASP A 240 -18.40 -12.19 8.34
N MET A 241 -17.22 -12.81 8.36
CA MET A 241 -17.11 -14.25 8.33
C MET A 241 -16.46 -14.64 9.66
N VAL A 242 -17.12 -15.46 10.46
CA VAL A 242 -16.59 -15.82 11.82
C VAL A 242 -15.23 -16.48 11.80
N SER A 243 -14.98 -17.31 10.80
CA SER A 243 -13.71 -18.00 10.69
C SER A 243 -12.56 -17.07 10.35
N LYS A 244 -12.79 -16.01 9.59
CA LYS A 244 -11.71 -15.01 9.29
C LYS A 244 -11.31 -14.30 10.61
N SER A 245 -12.28 -13.95 11.46
CA SER A 245 -11.94 -13.37 12.76
C SER A 245 -11.36 -14.43 13.70
N ALA A 246 -11.90 -15.63 13.68
CA ALA A 246 -11.50 -16.66 14.59
C ALA A 246 -10.05 -17.10 14.35
N ASN A 247 -9.53 -16.92 13.12
CA ASN A 247 -8.09 -17.19 12.87
C ASN A 247 -7.19 -16.30 13.69
N TYR A 248 -7.64 -15.06 13.97
CA TYR A 248 -6.84 -14.14 14.80
C TYR A 248 -6.80 -14.44 16.32
N CYS A 249 -7.54 -15.46 16.75
CA CYS A 249 -7.42 -15.99 18.11
C CYS A 249 -6.08 -16.71 18.32
N HIS A 250 -5.49 -17.28 17.26
CA HIS A 250 -4.22 -17.98 17.36
C HIS A 250 -4.32 -19.11 18.39
N THR A 251 -5.43 -19.83 18.32
CA THR A 251 -5.62 -21.04 19.07
C THR A 251 -4.87 -22.17 18.38
N SER A 252 -4.74 -23.29 19.05
CA SER A 252 -4.08 -24.48 18.48
C SER A 252 -4.51 -25.68 19.27
N GLN A 253 -4.02 -26.84 18.85
CA GLN A 253 -4.27 -28.10 19.51
C GLN A 253 -3.78 -27.95 20.92
N GLY A 254 -2.66 -27.28 21.09
CA GLY A 254 -2.05 -27.09 22.38
C GLY A 254 -2.75 -26.13 23.34
N ASP A 255 -3.80 -25.33 22.88
CA ASP A 255 -4.80 -24.29 23.67
C ASP A 255 -5.93 -23.84 22.69
N PRO A 256 -6.99 -24.64 22.62
CA PRO A 256 -7.98 -24.45 21.63
C PRO A 256 -9.25 -23.75 22.06
N ILE A 257 -9.24 -23.14 23.24
CA ILE A 257 -10.31 -22.29 23.66
C ILE A 257 -9.96 -20.83 23.26
N GLY A 258 -10.83 -20.16 22.51
CA GLY A 258 -10.59 -18.74 22.17
C GLY A 258 -11.75 -17.84 22.51
N LEU A 259 -11.54 -16.55 22.26
CA LEU A 259 -12.52 -15.50 22.53
C LEU A 259 -12.69 -14.67 21.29
N ILE A 260 -13.95 -14.36 21.01
CA ILE A 260 -14.26 -13.52 19.90
C ILE A 260 -15.35 -12.49 20.27
N LEU A 261 -15.19 -11.27 19.78
CA LEU A 261 -16.18 -10.19 19.97
C LEU A 261 -17.18 -10.06 18.82
N LEU A 262 -18.40 -9.62 19.19
CA LEU A 262 -19.35 -9.02 18.23
C LEU A 262 -19.60 -7.59 18.57
N GLY A 263 -19.27 -6.70 17.63
CA GLY A 263 -19.42 -5.23 17.80
C GLY A 263 -20.42 -4.69 16.84
N GLU A 264 -21.20 -3.74 17.34
CA GLU A 264 -22.00 -2.83 16.51
C GLU A 264 -21.08 -1.79 15.94
N VAL A 265 -20.94 -1.80 14.61
CA VAL A 265 -20.00 -0.92 13.95
C VAL A 265 -20.69 0.03 12.98
N ALA A 266 -20.39 1.32 13.13
CA ALA A 266 -21.07 2.38 12.40
C ALA A 266 -20.25 2.69 11.18
N LEU A 267 -20.59 2.07 10.06
CA LEU A 267 -19.76 2.09 8.87
C LEU A 267 -20.11 3.24 7.97
N GLY A 268 -21.38 3.65 8.00
CA GLY A 268 -21.87 4.69 7.15
C GLY A 268 -21.39 4.49 5.73
N ASN A 269 -20.78 5.52 5.19
CA ASN A 269 -20.35 5.58 3.83
C ASN A 269 -18.95 4.93 3.69
N MET A 270 -18.92 3.76 3.05
CA MET A 270 -17.76 2.91 2.96
C MET A 270 -16.92 3.36 1.80
N TYR A 271 -15.64 3.48 2.04
CA TYR A 271 -14.64 3.67 1.02
C TYR A 271 -14.20 2.27 0.68
N GLU A 272 -14.61 1.83 -0.51
CA GLU A 272 -14.46 0.44 -0.91
C GLU A 272 -13.14 0.24 -1.61
N LEU A 273 -12.32 -0.72 -1.16
CA LEU A 273 -10.97 -0.93 -1.72
C LEU A 273 -10.69 -2.38 -1.96
N LYS A 274 -9.77 -2.64 -2.89
CA LYS A 274 -9.39 -4.00 -3.26
C LYS A 274 -7.98 -4.43 -2.87
N HIS A 275 -7.07 -3.48 -2.68
CA HIS A 275 -5.69 -3.75 -2.36
C HIS A 275 -5.24 -2.84 -1.22
N ALA A 276 -4.06 -3.14 -0.71
CA ALA A 276 -3.48 -2.43 0.40
C ALA A 276 -3.51 -0.91 0.14
N SER A 277 -3.92 -0.17 1.13
CA SER A 277 -3.85 1.26 1.11
C SER A 277 -3.49 1.74 2.51
N HIS A 278 -2.30 2.29 2.72
CA HIS A 278 -1.89 2.57 4.10
C HIS A 278 -2.29 3.95 4.49
N ILE A 279 -3.60 4.20 4.52
CA ILE A 279 -4.09 5.55 4.75
C ILE A 279 -4.02 5.91 6.24
N SER A 280 -3.88 7.20 6.51
CA SER A 280 -3.93 7.75 7.88
C SER A 280 -5.16 8.66 8.12
N LYS A 281 -5.79 9.15 7.05
CA LYS A 281 -7.17 9.60 7.14
C LYS A 281 -8.05 9.12 5.94
N LEU A 282 -9.36 9.18 6.14
CA LEU A 282 -10.32 8.73 5.14
C LEU A 282 -10.55 9.87 4.18
N PRO A 283 -10.89 9.61 2.92
CA PRO A 283 -11.41 10.68 2.04
C PRO A 283 -12.59 11.41 2.64
N LYS A 284 -12.64 12.69 2.46
CA LYS A 284 -13.79 13.48 2.88
C LYS A 284 -15.15 12.83 2.54
N GLY A 285 -16.02 12.78 3.54
CA GLY A 285 -17.31 12.20 3.41
C GLY A 285 -17.41 10.68 3.66
N LYS A 286 -16.29 9.95 3.70
CA LYS A 286 -16.34 8.49 4.06
C LYS A 286 -16.21 8.26 5.57
N HIS A 287 -16.86 7.25 6.08
CA HIS A 287 -16.75 6.91 7.48
C HIS A 287 -15.99 5.61 7.83
N SER A 288 -15.67 4.79 6.84
CA SER A 288 -15.09 3.48 7.07
C SER A 288 -14.38 3.03 5.85
N VAL A 289 -13.58 1.98 5.94
CA VAL A 289 -13.09 1.33 4.73
C VAL A 289 -13.76 -0.06 4.68
N LYS A 290 -14.22 -0.48 3.50
CA LYS A 290 -14.60 -1.88 3.26
C LYS A 290 -13.55 -2.45 2.32
N GLY A 291 -12.77 -3.42 2.82
CA GLY A 291 -11.89 -4.24 1.96
C GLY A 291 -12.73 -5.27 1.21
N LEU A 292 -12.78 -5.21 -0.13
CA LEU A 292 -13.77 -5.95 -0.91
C LEU A 292 -13.37 -7.41 -1.06
N GLY A 293 -14.17 -8.30 -0.47
CA GLY A 293 -13.96 -9.71 -0.63
C GLY A 293 -14.48 -10.32 -1.91
N LYS A 294 -13.79 -11.34 -2.37
CA LYS A 294 -14.27 -12.20 -3.44
C LYS A 294 -15.58 -12.93 -3.02
N THR A 295 -15.70 -13.28 -1.74
CA THR A 295 -16.90 -13.92 -1.22
C THR A 295 -17.50 -13.07 -0.08
N THR A 296 -18.83 -13.02 -0.03
CA THR A 296 -19.58 -12.20 0.91
C THR A 296 -20.73 -13.06 1.41
N PRO A 297 -21.20 -12.90 2.70
CA PRO A 297 -22.52 -13.39 3.19
C PRO A 297 -23.66 -13.01 2.24
N ASP A 298 -24.58 -13.93 1.99
CA ASP A 298 -25.59 -13.72 0.98
C ASP A 298 -26.37 -12.48 1.43
N PRO A 299 -26.20 -11.33 0.73
CA PRO A 299 -26.92 -10.07 1.01
C PRO A 299 -28.42 -10.21 1.29
N SER A 300 -29.04 -11.22 0.72
CA SER A 300 -30.48 -11.36 0.80
C SER A 300 -30.90 -11.98 2.17
N ALA A 301 -29.99 -12.70 2.82
CA ALA A 301 -30.24 -13.27 4.16
C ALA A 301 -29.87 -12.40 5.39
N ASN A 302 -29.45 -11.15 5.18
CA ASN A 302 -29.31 -10.15 6.27
C ASN A 302 -30.56 -10.10 7.14
N ILE A 303 -30.36 -10.13 8.45
CA ILE A 303 -31.45 -10.12 9.40
C ILE A 303 -31.14 -9.01 10.41
N SER A 304 -32.13 -8.62 11.20
CA SER A 304 -32.01 -7.52 12.16
C SER A 304 -31.94 -8.06 13.59
N LEU A 305 -31.07 -7.49 14.40
CA LEU A 305 -31.01 -7.77 15.81
C LEU A 305 -30.91 -6.47 16.59
N ASP A 306 -32.03 -6.04 17.18
CA ASP A 306 -32.11 -4.80 17.96
C ASP A 306 -31.78 -3.60 17.08
N GLY A 307 -32.31 -3.60 15.85
CA GLY A 307 -32.08 -2.52 14.88
C GLY A 307 -30.79 -2.52 14.07
N VAL A 308 -29.96 -3.55 14.23
CA VAL A 308 -28.63 -3.57 13.61
C VAL A 308 -28.58 -4.70 12.57
N ASP A 309 -28.01 -4.46 11.38
CA ASP A 309 -27.98 -5.54 10.36
C ASP A 309 -26.99 -6.64 10.77
N VAL A 310 -27.42 -7.88 10.71
CA VAL A 310 -26.59 -9.08 10.93
C VAL A 310 -26.41 -9.85 9.63
N PRO A 311 -25.22 -9.77 9.02
CA PRO A 311 -24.97 -10.48 7.75
C PRO A 311 -24.62 -11.93 7.93
N LEU A 312 -25.61 -12.74 8.28
CA LEU A 312 -25.37 -14.15 8.62
C LEU A 312 -25.64 -15.12 7.46
N GLY A 313 -25.74 -14.65 6.25
CA GLY A 313 -26.01 -15.57 5.12
C GLY A 313 -24.80 -16.44 4.83
N THR A 314 -25.01 -17.60 4.18
CA THR A 314 -23.86 -18.38 3.64
C THR A 314 -23.12 -17.58 2.63
N GLY A 315 -21.85 -17.89 2.47
CA GLY A 315 -21.02 -17.16 1.56
C GLY A 315 -21.36 -17.46 0.08
N ILE A 316 -21.43 -16.40 -0.74
CA ILE A 316 -21.56 -16.49 -2.23
C ILE A 316 -20.54 -15.54 -2.85
N SER A 317 -20.46 -15.61 -4.17
CA SER A 317 -19.59 -14.75 -4.89
C SER A 317 -20.04 -13.29 -4.67
N SER A 318 -19.08 -12.38 -4.40
CA SER A 318 -19.41 -10.96 -4.37
C SER A 318 -19.60 -10.38 -5.78
N GLY A 319 -18.88 -10.92 -6.75
CA GLY A 319 -18.86 -10.40 -8.12
C GLY A 319 -17.72 -9.39 -8.29
N VAL A 320 -16.88 -9.21 -7.28
CA VAL A 320 -15.75 -8.28 -7.36
C VAL A 320 -14.61 -9.05 -7.95
N ASN A 321 -13.84 -8.45 -8.84
CA ASN A 321 -12.94 -9.28 -9.70
C ASN A 321 -11.48 -9.41 -9.33
N ASP A 322 -10.73 -8.34 -9.25
CA ASP A 322 -9.27 -8.59 -9.11
C ASP A 322 -8.92 -8.01 -7.76
N THR A 323 -9.31 -8.73 -6.71
CA THR A 323 -9.18 -8.23 -5.35
C THR A 323 -8.12 -8.99 -4.63
N SER A 324 -7.51 -8.39 -3.61
CA SER A 324 -6.48 -9.09 -2.82
C SER A 324 -7.12 -9.98 -1.78
N LEU A 325 -8.41 -9.77 -1.51
CA LEU A 325 -9.08 -10.31 -0.34
C LEU A 325 -10.03 -11.44 -0.73
N LEU A 326 -10.00 -12.56 -0.02
CA LEU A 326 -10.95 -13.65 -0.27
C LEU A 326 -12.28 -13.31 0.43
N TYR A 327 -12.17 -12.58 1.55
CA TYR A 327 -13.34 -12.17 2.27
C TYR A 327 -13.29 -10.71 2.66
N ASN A 328 -14.47 -10.21 2.99
CA ASN A 328 -14.67 -8.84 3.39
C ASN A 328 -13.89 -8.48 4.62
N GLU A 329 -13.61 -7.21 4.73
CA GLU A 329 -12.85 -6.66 5.83
C GLU A 329 -13.47 -5.27 6.03
N TYR A 330 -13.76 -4.85 7.26
CA TYR A 330 -14.20 -3.51 7.54
C TYR A 330 -13.35 -2.78 8.54
N ILE A 331 -13.01 -1.52 8.26
CA ILE A 331 -12.13 -0.75 9.14
C ILE A 331 -12.73 0.60 9.48
N VAL A 332 -12.77 0.93 10.78
CA VAL A 332 -13.05 2.29 11.21
C VAL A 332 -11.82 2.91 11.88
N TYR A 333 -11.79 4.23 11.82
CA TYR A 333 -10.65 5.02 12.19
C TYR A 333 -10.96 6.00 13.30
N ASP A 334 -12.15 5.90 13.91
CA ASP A 334 -12.44 6.60 15.19
C ASP A 334 -13.01 5.57 16.15
N ILE A 335 -12.43 5.46 17.34
CA ILE A 335 -12.83 4.48 18.34
C ILE A 335 -14.29 4.59 18.74
N ALA A 336 -14.84 5.79 18.69
CA ALA A 336 -16.23 6.01 19.03
C ALA A 336 -17.21 5.39 18.08
N GLN A 337 -16.78 4.83 16.94
CA GLN A 337 -17.68 4.17 15.98
C GLN A 337 -17.97 2.69 16.24
N VAL A 338 -17.40 2.15 17.32
CA VAL A 338 -17.69 0.80 17.79
C VAL A 338 -18.46 0.79 19.10
N ASN A 339 -19.41 -0.10 19.23
CA ASN A 339 -20.03 -0.34 20.52
C ASN A 339 -20.10 -1.84 20.68
N LEU A 340 -19.32 -2.34 21.62
CA LEU A 340 -19.16 -3.77 21.83
C LEU A 340 -20.46 -4.34 22.40
N LYS A 341 -20.90 -5.49 21.89
CA LYS A 341 -22.19 -6.01 22.22
C LYS A 341 -22.14 -7.40 22.86
N TYR A 342 -21.31 -8.29 22.31
CA TYR A 342 -21.14 -9.61 22.82
C TYR A 342 -19.73 -10.12 22.78
N LEU A 343 -19.55 -11.18 23.57
CA LEU A 343 -18.31 -11.87 23.69
C LEU A 343 -18.66 -13.37 23.68
N LEU A 344 -18.04 -14.12 22.76
CA LEU A 344 -18.22 -15.58 22.70
C LEU A 344 -16.93 -16.25 23.13
N LYS A 345 -17.10 -17.28 23.93
CA LYS A 345 -16.05 -18.24 24.21
C LYS A 345 -16.28 -19.45 23.27
N LEU A 346 -15.26 -19.75 22.51
CA LEU A 346 -15.30 -20.79 21.50
C LEU A 346 -14.36 -21.95 21.76
N LYS A 347 -14.84 -23.12 21.38
CA LYS A 347 -14.03 -24.31 21.40
C LYS A 347 -13.68 -24.57 19.89
N PHE A 348 -12.38 -24.72 19.60
CA PHE A 348 -11.91 -25.01 18.21
C PHE A 348 -11.61 -26.53 18.07
N ASN A 349 -12.34 -27.25 17.21
CA ASN A 349 -12.03 -28.65 16.92
C ASN A 349 -11.08 -28.70 15.70
N PHE A 350 -9.79 -28.85 15.95
CA PHE A 350 -8.79 -29.00 14.91
C PHE A 350 -8.85 -30.39 14.25
N LYS A 351 -9.21 -30.41 12.97
CA LYS A 351 -9.39 -31.68 12.25
C LYS A 351 -8.08 -32.23 11.65
N THR A 352 -6.94 -31.90 12.25
CA THR A 352 -5.63 -32.09 11.59
C THR A 352 -4.56 -32.27 12.65
N HIS B 1 18.86 11.17 -51.25
CA HIS B 1 17.51 11.63 -50.78
C HIS B 1 17.45 13.14 -50.66
N MET B 2 16.27 13.68 -50.34
CA MET B 2 16.07 15.13 -50.15
C MET B 2 16.74 15.73 -48.88
N LYS B 3 17.38 14.91 -48.05
CA LYS B 3 18.31 15.39 -47.00
C LYS B 3 17.71 16.15 -45.77
N SER B 4 16.42 16.51 -45.78
CA SER B 4 15.74 17.10 -44.61
C SER B 4 16.18 18.52 -44.31
N LYS B 5 15.19 19.39 -44.16
CA LYS B 5 15.38 20.78 -43.82
C LYS B 5 14.92 21.06 -42.39
N LEU B 6 14.65 20.01 -41.61
CA LEU B 6 14.35 20.21 -40.16
C LEU B 6 15.58 20.79 -39.43
N PRO B 7 15.34 21.65 -38.44
CA PRO B 7 16.46 22.10 -37.62
C PRO B 7 17.34 20.89 -37.14
N LYS B 8 18.67 21.12 -37.13
CA LYS B 8 19.65 20.17 -36.64
C LYS B 8 19.34 19.53 -35.26
N PRO B 9 19.02 20.34 -34.23
CA PRO B 9 18.71 19.69 -32.96
C PRO B 9 17.42 18.80 -33.06
N VAL B 10 16.48 19.11 -33.92
CA VAL B 10 15.34 18.21 -34.14
C VAL B 10 15.78 16.97 -34.87
N GLN B 11 16.62 17.07 -35.89
CA GLN B 11 17.12 15.85 -36.52
C GLN B 11 17.88 14.94 -35.52
N ASP B 12 18.68 15.54 -34.66
CA ASP B 12 19.41 14.78 -33.65
C ASP B 12 18.46 14.06 -32.68
N LEU B 13 17.39 14.72 -32.28
CA LEU B 13 16.38 14.08 -31.41
C LEU B 13 15.77 12.90 -32.10
N ILE B 14 15.41 13.07 -33.38
CA ILE B 14 14.79 11.96 -34.09
C ILE B 14 15.71 10.74 -34.14
N LYS B 15 16.96 10.97 -34.47
CA LYS B 15 17.97 9.88 -34.50
C LYS B 15 18.05 9.16 -33.19
N MET B 16 18.19 9.95 -32.14
CA MET B 16 18.28 9.43 -30.78
C MET B 16 17.07 8.54 -30.41
N ILE B 17 15.86 8.97 -30.74
CA ILE B 17 14.68 8.20 -30.24
C ILE B 17 14.34 6.99 -31.07
N PHE B 18 14.72 6.98 -32.36
CA PHE B 18 14.57 5.80 -33.18
C PHE B 18 15.76 4.87 -33.32
N ASP B 19 16.74 5.01 -32.44
CA ASP B 19 17.97 4.24 -32.52
C ASP B 19 17.72 2.82 -32.08
N VAL B 20 17.85 1.89 -33.01
CA VAL B 20 17.67 0.47 -32.78
C VAL B 20 18.67 -0.11 -31.76
N GLU B 21 19.93 0.27 -31.86
CA GLU B 21 20.94 -0.29 -30.95
C GLU B 21 20.74 0.12 -29.52
N SER B 22 20.26 1.35 -29.29
CA SER B 22 19.83 1.77 -27.98
C SER B 22 18.70 0.88 -27.50
N MET B 23 17.72 0.59 -28.35
CA MET B 23 16.66 -0.38 -27.97
C MET B 23 17.27 -1.71 -27.51
N LYS B 24 18.15 -2.29 -28.32
CA LYS B 24 18.81 -3.57 -27.95
C LYS B 24 19.66 -3.47 -26.69
N LYS B 25 20.35 -2.37 -26.52
CA LYS B 25 21.12 -2.09 -25.30
C LYS B 25 20.29 -1.99 -24.02
N ALA B 26 19.09 -1.38 -24.09
CA ALA B 26 18.18 -1.31 -22.92
C ALA B 26 17.69 -2.72 -22.50
N MET B 27 17.41 -3.55 -23.50
CA MET B 27 17.03 -4.96 -23.30
C MET B 27 18.17 -5.76 -22.64
N VAL B 28 19.42 -5.65 -23.09
CA VAL B 28 20.49 -6.40 -22.39
C VAL B 28 20.73 -5.88 -20.97
N GLU B 29 20.58 -4.58 -20.74
CA GLU B 29 20.61 -4.03 -19.39
C GLU B 29 19.61 -4.69 -18.40
N TYR B 30 18.43 -5.07 -18.91
CA TYR B 30 17.48 -5.93 -18.14
C TYR B 30 17.82 -7.43 -18.17
N GLU B 31 18.97 -7.78 -18.74
CA GLU B 31 19.50 -9.13 -18.77
C GLU B 31 18.65 -10.05 -19.66
N ILE B 32 17.93 -9.46 -20.58
CA ILE B 32 17.08 -10.23 -21.46
C ILE B 32 18.01 -10.93 -22.44
N ASP B 33 17.62 -12.13 -22.87
CA ASP B 33 18.38 -12.91 -23.83
C ASP B 33 18.00 -12.56 -25.28
N LEU B 34 18.79 -11.72 -25.92
CA LEU B 34 18.53 -11.25 -27.30
C LEU B 34 18.80 -12.32 -28.36
N GLN B 35 19.64 -13.27 -27.99
CA GLN B 35 19.77 -14.54 -28.69
C GLN B 35 18.41 -15.23 -28.82
N LYS B 36 17.73 -15.41 -27.69
CA LYS B 36 16.44 -16.11 -27.64
C LYS B 36 15.24 -15.24 -28.07
N MET B 37 15.29 -13.96 -27.69
CA MET B 37 14.20 -13.00 -27.78
C MET B 37 14.76 -11.76 -28.48
N PRO B 38 15.07 -11.88 -29.77
CA PRO B 38 15.52 -10.65 -30.47
C PRO B 38 14.45 -9.51 -30.49
N LEU B 39 14.91 -8.28 -30.70
CA LEU B 39 14.02 -7.11 -30.71
C LEU B 39 12.78 -7.33 -31.59
N GLY B 40 12.98 -7.86 -32.79
CA GLY B 40 11.86 -8.09 -33.73
C GLY B 40 10.85 -9.18 -33.34
N LYS B 41 11.19 -10.03 -32.37
CA LYS B 41 10.23 -11.04 -31.82
C LYS B 41 9.40 -10.58 -30.58
N LEU B 42 9.81 -9.49 -29.94
CA LEU B 42 9.05 -8.89 -28.86
C LEU B 42 7.63 -8.57 -29.32
N SER B 43 6.61 -9.12 -28.66
CA SER B 43 5.24 -8.77 -29.03
C SER B 43 4.41 -8.19 -27.91
N LYS B 44 3.35 -7.53 -28.33
CA LYS B 44 2.43 -6.87 -27.45
C LYS B 44 1.75 -7.87 -26.52
N ARG B 45 1.21 -8.94 -27.10
CA ARG B 45 0.54 -9.94 -26.27
C ARG B 45 1.51 -10.79 -25.46
N GLN B 46 2.79 -10.83 -25.85
CA GLN B 46 3.81 -11.40 -24.97
C GLN B 46 3.94 -10.64 -23.70
N ILE B 47 4.07 -9.34 -23.86
CA ILE B 47 4.20 -8.43 -22.76
C ILE B 47 2.96 -8.45 -21.86
N GLN B 48 1.76 -8.34 -22.45
CA GLN B 48 0.51 -8.49 -21.71
C GLN B 48 0.43 -9.85 -20.97
N ALA B 49 0.86 -10.91 -21.61
CA ALA B 49 0.83 -12.22 -20.99
C ALA B 49 1.74 -12.20 -19.75
N ALA B 50 2.88 -11.57 -19.90
CA ALA B 50 3.86 -11.48 -18.82
C ALA B 50 3.35 -10.66 -17.63
N TYR B 51 2.68 -9.56 -17.94
CA TYR B 51 1.98 -8.75 -16.95
C TYR B 51 0.96 -9.55 -16.11
N SER B 52 0.19 -10.38 -16.80
CA SER B 52 -0.75 -11.34 -16.20
C SER B 52 -0.08 -12.32 -15.26
N ILE B 53 1.05 -12.89 -15.66
CA ILE B 53 1.78 -13.76 -14.73
C ILE B 53 2.11 -12.99 -13.44
N LEU B 54 2.52 -11.73 -13.60
CA LEU B 54 2.87 -10.89 -12.46
C LEU B 54 1.70 -10.64 -11.58
N SER B 55 0.55 -10.44 -12.22
CA SER B 55 -0.72 -10.36 -11.51
C SER B 55 -1.07 -11.66 -10.77
N GLU B 56 -0.89 -12.79 -11.42
CA GLU B 56 -1.05 -14.08 -10.76
C GLU B 56 -0.22 -14.18 -9.49
N VAL B 57 1.03 -13.71 -9.59
CA VAL B 57 1.93 -13.71 -8.44
C VAL B 57 1.35 -12.84 -7.33
N GLN B 58 0.97 -11.61 -7.67
CA GLN B 58 0.28 -10.69 -6.74
C GLN B 58 -0.87 -11.38 -6.00
N GLN B 59 -1.78 -11.98 -6.75
CA GLN B 59 -2.92 -12.70 -6.19
C GLN B 59 -2.55 -13.84 -5.22
N ALA B 60 -1.53 -14.60 -5.60
CA ALA B 60 -0.95 -15.62 -4.74
C ALA B 60 -0.18 -15.09 -3.53
N VAL B 61 0.67 -14.08 -3.69
CA VAL B 61 1.35 -13.49 -2.53
C VAL B 61 0.33 -13.00 -1.51
N SER B 62 -0.91 -12.71 -1.91
CA SER B 62 -1.90 -12.22 -0.95
C SER B 62 -2.39 -13.33 -0.02
N GLN B 63 -1.50 -14.28 0.36
CA GLN B 63 -1.83 -15.48 1.20
C GLN B 63 -0.74 -16.57 1.23
N GLY B 64 0.12 -16.52 2.26
CA GLY B 64 1.19 -17.51 2.47
C GLY B 64 0.67 -18.94 2.61
N SER B 66 3.97 -18.89 0.18
CA SER B 66 4.02 -20.16 -0.54
C SER B 66 4.82 -19.94 -1.76
N ASP B 67 6.15 -19.91 -1.69
CA ASP B 67 6.88 -19.83 -2.96
C ASP B 67 6.56 -21.10 -3.85
N SER B 68 5.61 -22.00 -3.47
CA SER B 68 5.49 -23.30 -4.18
C SER B 68 4.77 -23.01 -5.48
N GLN B 69 3.56 -22.51 -5.35
CA GLN B 69 2.82 -21.95 -6.50
C GLN B 69 3.60 -20.75 -7.13
N ILE B 70 4.07 -19.86 -6.29
CA ILE B 70 4.87 -18.74 -6.72
C ILE B 70 6.17 -19.12 -7.46
N LEU B 71 6.85 -20.22 -7.08
CA LEU B 71 8.04 -20.73 -7.79
C LEU B 71 7.67 -20.94 -9.21
N ASP B 72 6.61 -21.71 -9.39
CA ASP B 72 6.13 -22.13 -10.70
C ASP B 72 5.88 -20.89 -11.54
N LEU B 73 5.25 -19.85 -10.91
CA LEU B 73 4.95 -18.61 -11.66
C LEU B 73 6.21 -17.87 -12.04
N SER B 74 7.13 -17.81 -11.08
CA SER B 74 8.42 -17.22 -11.31
C SER B 74 9.08 -17.87 -12.49
N ASN B 75 9.16 -19.17 -12.42
CA ASN B 75 9.65 -19.94 -13.59
C ASN B 75 8.98 -19.70 -14.93
N ARG B 76 7.65 -19.67 -14.94
CA ARG B 76 6.92 -19.28 -16.16
C ARG B 76 7.33 -17.90 -16.74
N PHE B 77 7.50 -16.92 -15.88
CA PHE B 77 7.90 -15.61 -16.32
C PHE B 77 9.21 -15.70 -17.09
N TYR B 78 10.17 -16.46 -16.57
CA TYR B 78 11.50 -16.53 -17.17
C TYR B 78 11.55 -17.42 -18.41
N THR B 79 10.48 -18.16 -18.62
CA THR B 79 10.22 -18.90 -19.86
C THR B 79 9.56 -17.97 -20.89
N LEU B 80 8.60 -17.18 -20.44
CA LEU B 80 7.92 -16.24 -21.31
C LEU B 80 8.86 -15.19 -21.87
N ILE B 81 9.63 -14.59 -20.97
CA ILE B 81 10.55 -13.52 -21.31
C ILE B 81 11.94 -14.10 -21.03
N PRO B 82 12.63 -14.60 -22.06
CA PRO B 82 13.88 -15.34 -21.84
C PRO B 82 15.02 -14.43 -21.44
N HIS B 83 15.61 -14.70 -20.28
CA HIS B 83 16.67 -13.89 -19.72
C HIS B 83 17.98 -14.62 -19.90
N ASP B 84 19.09 -13.89 -19.87
CA ASP B 84 20.42 -14.48 -19.95
C ASP B 84 21.16 -14.15 -18.67
N PHE B 85 20.82 -14.95 -17.70
CA PHE B 85 21.76 -15.46 -16.75
C PHE B 85 22.28 -16.74 -17.47
N GLY B 86 21.46 -17.22 -18.42
CA GLY B 86 21.89 -17.86 -19.67
C GLY B 86 21.11 -19.10 -19.94
N MET B 87 21.57 -20.14 -19.28
CA MET B 87 20.87 -21.37 -19.15
C MET B 87 20.60 -21.47 -17.63
N LYS B 88 20.56 -20.28 -16.92
CA LYS B 88 19.48 -19.64 -15.92
C LYS B 88 19.07 -19.93 -14.31
N LYS B 89 17.85 -20.52 -13.98
CA LYS B 89 17.08 -20.35 -12.57
C LYS B 89 17.60 -19.06 -11.76
N PRO B 90 17.38 -17.84 -12.32
CA PRO B 90 17.67 -16.53 -11.73
C PRO B 90 16.83 -16.00 -10.54
N PRO B 91 17.06 -14.72 -10.14
CA PRO B 91 16.30 -13.84 -9.22
C PRO B 91 14.81 -14.05 -9.03
N LEU B 92 14.42 -14.65 -7.93
CA LEU B 92 13.09 -15.23 -7.79
C LEU B 92 12.01 -14.13 -7.68
N LEU B 93 10.80 -14.43 -8.15
CA LEU B 93 9.65 -13.49 -8.13
C LEU B 93 8.64 -13.82 -7.07
N ASN B 94 9.05 -13.69 -5.84
CA ASN B 94 8.24 -14.18 -4.76
C ASN B 94 7.77 -13.11 -3.80
N ASN B 95 7.97 -11.83 -4.16
CA ASN B 95 7.61 -10.71 -3.30
C ASN B 95 7.30 -9.39 -4.04
N ALA B 96 6.68 -8.47 -3.29
CA ALA B 96 6.58 -7.04 -3.60
C ALA B 96 7.70 -6.45 -4.46
N ASP B 97 8.92 -6.36 -3.97
CA ASP B 97 10.05 -5.77 -4.72
C ASP B 97 10.26 -6.36 -6.11
N SER B 98 10.16 -7.69 -6.17
CA SER B 98 10.44 -8.45 -7.39
C SER B 98 9.43 -8.17 -8.45
N VAL B 99 8.20 -8.10 -8.03
CA VAL B 99 7.06 -7.85 -8.94
C VAL B 99 7.12 -6.40 -9.45
N GLN B 100 7.45 -5.46 -8.57
CA GLN B 100 7.63 -4.07 -8.97
C GLN B 100 8.67 -3.97 -10.00
N ALA B 101 9.82 -4.63 -9.78
CA ALA B 101 10.94 -4.48 -10.71
C ALA B 101 10.62 -5.08 -12.06
N LYS B 102 9.95 -6.21 -12.09
CA LYS B 102 9.51 -6.75 -13.37
C LYS B 102 8.43 -5.91 -14.05
N ALA B 103 7.48 -5.37 -13.29
CA ALA B 103 6.44 -4.52 -13.85
C ALA B 103 7.09 -3.33 -14.51
N GLU B 104 8.05 -2.74 -13.84
CA GLU B 104 8.87 -1.72 -14.46
C GLU B 104 9.53 -2.15 -15.77
N MET B 105 10.21 -3.28 -15.79
CA MET B 105 10.84 -3.68 -17.01
C MET B 105 9.80 -3.84 -18.13
N LEU B 106 8.67 -4.47 -17.82
CA LEU B 106 7.62 -4.65 -18.77
C LEU B 106 7.07 -3.32 -19.30
N ASP B 107 6.95 -2.29 -18.45
CA ASP B 107 6.57 -0.94 -18.87
C ASP B 107 7.56 -0.47 -19.98
N ASN B 108 8.86 -0.73 -19.79
CA ASN B 108 9.84 -0.32 -20.75
C ASN B 108 9.75 -1.13 -22.01
N LEU B 109 9.51 -2.44 -21.88
CA LEU B 109 9.31 -3.25 -23.08
C LEU B 109 8.08 -2.81 -23.89
N LEU B 110 7.00 -2.40 -23.26
CA LEU B 110 5.81 -1.97 -23.99
C LEU B 110 6.12 -0.79 -24.90
N ASP B 111 6.86 0.19 -24.39
CA ASP B 111 7.16 1.37 -25.17
C ASP B 111 8.19 1.04 -26.27
N ILE B 112 9.09 0.11 -25.99
CA ILE B 112 10.03 -0.37 -27.05
C ILE B 112 9.33 -1.09 -28.19
N GLU B 113 8.39 -1.97 -27.88
CA GLU B 113 7.64 -2.67 -28.93
C GLU B 113 6.92 -1.65 -29.77
N VAL B 114 6.29 -0.65 -29.14
CA VAL B 114 5.61 0.44 -29.88
C VAL B 114 6.59 1.13 -30.82
N ALA B 115 7.76 1.49 -30.31
CA ALA B 115 8.78 2.15 -31.13
C ALA B 115 9.19 1.32 -32.35
N TYR B 116 9.51 0.06 -32.12
CA TYR B 116 9.97 -0.79 -33.21
C TYR B 116 8.83 -1.11 -34.21
N SER B 117 7.63 -1.26 -33.71
CA SER B 117 6.50 -1.44 -34.62
C SER B 117 6.22 -0.19 -35.48
N LEU B 118 6.33 1.01 -34.92
CA LEU B 118 6.16 2.26 -35.73
C LEU B 118 7.15 2.29 -36.85
N LEU B 119 8.40 2.05 -36.48
CA LEU B 119 9.54 2.05 -37.40
C LEU B 119 9.39 1.01 -38.53
N ARG B 120 8.91 -0.17 -38.21
CA ARG B 120 8.70 -1.18 -39.23
C ARG B 120 7.37 -1.02 -39.98
N GLY B 121 6.46 -0.18 -39.52
CA GLY B 121 5.17 0.08 -40.21
C GLY B 121 5.15 1.24 -41.21
N GLY B 122 3.95 1.56 -41.70
CA GLY B 122 3.76 2.69 -42.62
C GLY B 122 4.23 2.39 -44.05
N SER B 123 4.73 3.43 -44.71
CA SER B 123 5.31 3.38 -46.06
C SER B 123 6.83 3.66 -46.14
N ASP B 124 7.55 2.74 -46.81
CA ASP B 124 8.92 2.94 -47.33
C ASP B 124 8.85 3.94 -48.52
N ASP B 125 9.76 4.92 -48.53
CA ASP B 125 9.98 5.77 -49.72
C ASP B 125 11.42 6.26 -49.69
N SER B 126 12.31 5.59 -50.45
CA SER B 126 13.75 5.96 -50.55
C SER B 126 14.02 7.39 -51.00
N SER B 127 13.09 8.01 -51.71
CA SER B 127 13.23 9.43 -52.04
C SER B 127 12.95 10.40 -50.84
N LYS B 128 12.73 9.87 -49.63
CA LYS B 128 12.63 10.73 -48.45
C LYS B 128 13.74 10.39 -47.47
N ASP B 129 14.28 11.46 -46.87
CA ASP B 129 15.29 11.31 -45.85
C ASP B 129 14.62 10.46 -44.78
N PRO B 130 15.25 9.37 -44.32
CA PRO B 130 14.51 8.63 -43.28
C PRO B 130 14.26 9.47 -42.01
N ILE B 131 15.10 10.49 -41.77
CA ILE B 131 14.82 11.40 -40.67
C ILE B 131 13.46 12.02 -40.75
N ASP B 132 13.09 12.51 -41.94
CA ASP B 132 11.75 13.06 -42.19
C ASP B 132 10.65 12.01 -42.06
N VAL B 133 10.91 10.79 -42.51
CA VAL B 133 9.90 9.70 -42.41
C VAL B 133 9.62 9.38 -40.93
N ASN B 134 10.68 9.26 -40.15
CA ASN B 134 10.55 9.06 -38.71
C ASN B 134 9.96 10.24 -37.98
N TYR B 135 10.24 11.47 -38.41
CA TYR B 135 9.55 12.59 -37.80
C TYR B 135 8.04 12.53 -37.99
N GLU B 136 7.57 12.25 -39.22
CA GLU B 136 6.11 12.18 -39.52
C GLU B 136 5.45 11.12 -38.63
N LYS B 137 6.15 10.02 -38.38
CA LYS B 137 5.62 8.92 -37.55
C LYS B 137 5.22 9.33 -36.14
N LEU B 138 5.87 10.33 -35.60
CA LEU B 138 5.55 10.77 -34.28
C LEU B 138 4.23 11.52 -34.17
N LYS B 139 3.70 11.98 -35.30
CA LYS B 139 2.44 12.72 -35.33
C LYS B 139 2.45 13.83 -34.27
N THR B 140 3.58 14.55 -34.23
CA THR B 140 3.89 15.52 -33.19
C THR B 140 4.66 16.65 -33.86
N ASP B 141 4.22 17.90 -33.61
CA ASP B 141 4.92 19.07 -34.06
C ASP B 141 5.96 19.38 -33.01
N ILE B 142 7.23 19.49 -33.40
CA ILE B 142 8.33 19.75 -32.47
C ILE B 142 9.07 20.96 -32.97
N LYS B 143 9.24 21.96 -32.14
CA LYS B 143 10.08 23.11 -32.51
C LYS B 143 11.10 23.31 -31.44
N VAL B 144 12.21 23.98 -31.79
CA VAL B 144 13.24 24.34 -30.84
C VAL B 144 12.82 25.65 -30.18
N VAL B 145 12.88 25.71 -28.85
CA VAL B 145 12.58 26.95 -28.15
C VAL B 145 13.83 27.82 -28.22
N ASP B 146 13.64 29.08 -28.57
CA ASP B 146 14.75 30.04 -28.60
C ASP B 146 15.38 30.22 -27.21
N ARG B 147 16.68 29.95 -27.11
CA ARG B 147 17.48 30.14 -25.87
C ARG B 147 17.20 31.42 -25.06
N ASP B 148 16.87 32.50 -25.75
CA ASP B 148 16.73 33.80 -25.13
C ASP B 148 15.31 34.17 -24.74
N SER B 149 14.31 33.41 -25.17
CA SER B 149 12.93 33.63 -24.74
C SER B 149 12.67 33.50 -23.23
N GLU B 150 11.50 34.01 -22.87
CA GLU B 150 10.99 34.06 -21.50
C GLU B 150 10.67 32.67 -20.98
N GLU B 151 9.94 31.88 -21.77
CA GLU B 151 9.70 30.48 -21.43
C GLU B 151 11.00 29.66 -21.25
N ALA B 152 12.02 29.93 -22.06
CA ALA B 152 13.30 29.25 -21.91
C ALA B 152 13.98 29.65 -20.61
N GLU B 153 13.86 30.92 -20.21
CA GLU B 153 14.39 31.36 -18.92
C GLU B 153 13.70 30.76 -17.73
N ILE B 154 12.38 30.62 -17.79
CA ILE B 154 11.60 29.99 -16.74
C ILE B 154 11.99 28.51 -16.60
N ILE B 155 11.95 27.80 -17.71
CA ILE B 155 12.41 26.40 -17.80
C ILE B 155 13.81 26.21 -17.19
N ARG B 156 14.77 27.03 -17.60
CA ARG B 156 16.15 26.87 -17.10
C ARG B 156 16.21 27.10 -15.58
N LYS B 157 15.41 28.05 -15.09
CA LYS B 157 15.30 28.28 -13.65
C LYS B 157 14.72 27.06 -12.91
N TYR B 158 13.73 26.44 -13.53
CA TYR B 158 13.07 25.27 -12.94
C TYR B 158 14.07 24.15 -12.76
N VAL B 159 14.95 23.98 -13.72
CA VAL B 159 16.02 23.01 -13.66
C VAL B 159 17.03 23.37 -12.60
N LYS B 160 17.39 24.64 -12.57
CA LYS B 160 18.46 25.14 -11.73
C LYS B 160 18.15 25.06 -10.22
N ASN B 161 16.88 25.24 -9.86
CA ASN B 161 16.49 25.44 -8.47
C ASN B 161 15.99 24.14 -7.80
N THR B 162 15.58 23.15 -8.60
CA THR B 162 14.87 22.01 -8.05
C THR B 162 15.67 20.74 -8.18
N HIS B 163 17.00 20.88 -8.14
CA HIS B 163 17.88 19.74 -8.12
C HIS B 163 18.22 19.46 -6.65
N ALA B 164 17.70 18.33 -6.13
CA ALA B 164 17.79 17.99 -4.72
C ALA B 164 19.22 17.66 -4.33
N THR B 165 19.67 18.18 -3.18
CA THR B 165 21.02 17.93 -2.63
C THR B 165 21.35 16.45 -2.54
N THR B 166 20.37 15.62 -2.17
CA THR B 166 20.59 14.16 -2.06
C THR B 166 20.82 13.43 -3.37
N HIS B 167 20.37 14.01 -4.47
CA HIS B 167 20.68 13.50 -5.83
C HIS B 167 22.03 14.10 -6.38
N ASN B 168 23.13 13.94 -5.66
CA ASN B 168 24.36 14.61 -6.12
C ASN B 168 25.36 13.67 -6.77
N ALA B 169 24.85 12.56 -7.29
CA ALA B 169 25.62 11.71 -8.14
C ALA B 169 26.03 12.42 -9.45
N TYR B 170 25.20 13.37 -9.90
CA TYR B 170 25.41 14.07 -11.15
C TYR B 170 24.95 15.52 -11.07
N ASP B 171 25.34 16.35 -12.01
CA ASP B 171 24.54 17.57 -12.26
C ASP B 171 24.09 17.63 -13.72
N LEU B 172 23.21 18.60 -13.98
CA LEU B 172 22.46 18.62 -15.22
C LEU B 172 22.78 19.85 -16.06
N GLU B 173 22.95 19.69 -17.37
CA GLU B 173 22.98 20.87 -18.28
C GLU B 173 21.86 20.67 -19.29
N VAL B 174 21.09 21.71 -19.56
CA VAL B 174 20.13 21.66 -20.61
C VAL B 174 20.85 21.81 -21.95
N ILE B 175 20.77 20.83 -22.83
CA ILE B 175 21.25 20.98 -24.19
C ILE B 175 20.21 21.66 -25.12
N ASP B 176 18.98 21.13 -25.19
CA ASP B 176 17.94 21.69 -26.06
C ASP B 176 16.63 21.66 -25.33
N ILE B 177 15.78 22.65 -25.61
CA ILE B 177 14.46 22.71 -25.05
C ILE B 177 13.61 22.72 -26.30
N PHE B 178 12.71 21.72 -26.44
CA PHE B 178 11.78 21.67 -27.56
C PHE B 178 10.35 21.92 -27.10
N LYS B 179 9.58 22.61 -27.93
CA LYS B 179 8.15 22.77 -27.70
C LYS B 179 7.47 21.71 -28.54
N ILE B 180 6.57 20.92 -27.94
CA ILE B 180 5.94 19.75 -28.59
C ILE B 180 4.39 19.84 -28.56
N GLU B 181 3.76 19.34 -29.60
CA GLU B 181 2.32 19.43 -29.75
C GLU B 181 1.88 18.16 -30.42
N ARG B 182 1.50 17.21 -29.60
CA ARG B 182 1.05 15.93 -30.13
C ARG B 182 -0.29 16.14 -30.78
N GLU B 183 -0.43 15.55 -31.96
CA GLU B 183 -1.62 15.69 -32.74
C GLU B 183 -2.85 15.21 -31.93
N GLY B 184 -3.89 16.05 -31.91
CA GLY B 184 -5.14 15.71 -31.28
C GLY B 184 -5.09 15.88 -29.78
N GLU B 185 -3.97 16.31 -29.20
CA GLU B 185 -3.87 16.26 -27.76
C GLU B 185 -4.47 17.47 -27.14
N CYS B 186 -4.39 18.60 -27.82
CA CYS B 186 -5.11 19.80 -27.36
C CYS B 186 -6.63 19.60 -27.21
N GLN B 187 -7.21 19.03 -28.25
CA GLN B 187 -8.63 18.69 -28.29
C GLN B 187 -9.02 17.76 -27.11
N ARG B 188 -8.25 16.67 -26.92
CA ARG B 188 -8.48 15.71 -25.82
C ARG B 188 -8.38 16.32 -24.44
N TYR B 189 -7.55 17.36 -24.31
CA TYR B 189 -7.36 18.03 -23.00
C TYR B 189 -8.42 19.12 -22.64
N LYS B 190 -9.15 19.56 -23.66
CA LYS B 190 -10.14 20.65 -23.52
C LYS B 190 -11.04 20.49 -22.30
N PRO B 191 -11.59 19.27 -22.07
CA PRO B 191 -12.40 19.11 -20.87
C PRO B 191 -11.72 19.53 -19.61
N PHE B 192 -10.41 19.32 -19.54
CA PHE B 192 -9.71 19.66 -18.33
C PHE B 192 -9.03 21.01 -18.30
N LYS B 193 -9.05 21.76 -19.41
CA LYS B 193 -8.22 22.99 -19.51
C LYS B 193 -8.58 24.10 -18.51
N GLN B 194 -9.82 24.10 -18.02
CA GLN B 194 -10.29 25.10 -17.05
C GLN B 194 -10.48 24.55 -15.65
N LEU B 195 -10.09 23.29 -15.41
CA LEU B 195 -10.01 22.77 -14.07
C LEU B 195 -8.91 23.50 -13.30
N HIS B 196 -9.17 23.79 -12.03
CA HIS B 196 -8.18 24.35 -11.10
C HIS B 196 -6.97 23.41 -10.80
N ASN B 197 -5.95 23.99 -10.16
CA ASN B 197 -4.71 23.31 -9.74
C ASN B 197 -4.03 22.66 -10.94
N ARG B 198 -3.74 23.48 -11.97
CA ARG B 198 -2.99 23.01 -13.15
C ARG B 198 -1.53 23.36 -12.95
N ARG B 199 -0.67 22.35 -13.13
CA ARG B 199 0.72 22.47 -12.70
C ARG B 199 1.66 21.93 -13.77
N LEU B 200 2.81 22.58 -13.91
CA LEU B 200 3.79 22.25 -14.94
C LEU B 200 4.76 21.33 -14.24
N LEU B 201 4.77 20.09 -14.68
CA LEU B 201 5.45 19.08 -13.90
C LEU B 201 6.26 18.21 -14.82
N TRP B 202 7.31 17.62 -14.24
CA TRP B 202 8.29 16.86 -14.95
C TRP B 202 7.86 15.38 -15.07
N HIS B 203 8.26 14.74 -16.15
CA HIS B 203 8.24 13.27 -16.25
C HIS B 203 9.47 12.77 -17.00
N GLY B 204 10.31 12.00 -16.31
CA GLY B 204 11.52 11.43 -16.83
C GLY B 204 11.27 10.01 -17.23
N SER B 205 11.92 9.60 -18.31
CA SER B 205 11.77 8.27 -18.87
C SER B 205 13.00 7.97 -19.69
N ARG B 206 13.36 6.70 -19.81
CA ARG B 206 14.49 6.39 -20.69
C ARG B 206 14.19 6.76 -22.12
N THR B 207 15.27 7.08 -22.83
CA THR B 207 15.21 7.69 -24.11
C THR B 207 14.55 6.74 -25.07
N THR B 208 14.72 5.41 -24.84
CA THR B 208 14.11 4.36 -25.67
C THR B 208 12.54 4.25 -25.58
N ASN B 209 11.89 5.09 -24.76
CA ASN B 209 10.42 5.10 -24.61
C ASN B 209 9.80 6.26 -25.31
N PHE B 210 10.62 7.21 -25.74
CA PHE B 210 10.07 8.49 -26.18
C PHE B 210 9.32 8.44 -27.50
N ALA B 211 9.70 7.53 -28.40
CA ALA B 211 8.91 7.36 -29.60
C ALA B 211 7.52 6.85 -29.30
N GLY B 212 7.44 5.97 -28.34
CA GLY B 212 6.18 5.53 -27.78
C GLY B 212 5.43 6.59 -27.04
N ILE B 213 6.12 7.38 -26.22
CA ILE B 213 5.45 8.50 -25.52
C ILE B 213 4.95 9.59 -26.47
N LEU B 214 5.67 9.90 -27.57
CA LEU B 214 5.20 10.96 -28.49
C LEU B 214 4.15 10.46 -29.48
N SER B 215 4.27 9.23 -29.99
CA SER B 215 3.22 8.78 -30.88
C SER B 215 1.87 8.62 -30.14
N GLN B 216 1.88 8.09 -28.92
CA GLN B 216 0.64 7.71 -28.21
C GLN B 216 0.30 8.54 -27.00
N GLY B 217 1.20 9.43 -26.57
CA GLY B 217 1.01 10.15 -25.33
C GLY B 217 1.45 9.35 -24.13
N LEU B 218 1.46 9.95 -22.96
CA LEU B 218 1.72 9.20 -21.76
C LEU B 218 0.45 8.35 -21.52
N ARG B 219 0.66 7.06 -21.28
CA ARG B 219 -0.41 6.10 -21.08
C ARG B 219 -0.33 5.52 -19.69
N ILE B 220 -1.47 4.93 -19.30
CA ILE B 220 -1.62 4.14 -18.08
C ILE B 220 -1.13 2.71 -18.37
N ALA B 221 -0.49 2.04 -17.42
CA ALA B 221 -0.16 0.63 -17.61
C ALA B 221 -1.44 -0.16 -17.93
N PRO B 222 -1.33 -1.20 -18.72
CA PRO B 222 -2.56 -1.87 -19.14
C PRO B 222 -3.31 -2.65 -18.06
N PRO B 223 -4.55 -3.09 -18.38
CA PRO B 223 -5.36 -3.75 -17.37
C PRO B 223 -4.72 -5.05 -16.81
N GLU B 224 -3.91 -5.74 -17.62
CA GLU B 224 -3.19 -6.95 -17.17
C GLU B 224 -2.11 -6.62 -16.13
N ALA B 225 -1.63 -5.39 -16.08
CA ALA B 225 -0.60 -5.02 -15.16
C ALA B 225 -1.09 -5.06 -13.74
N PRO B 226 -0.23 -5.53 -12.81
CA PRO B 226 -0.62 -5.64 -11.39
C PRO B 226 -0.68 -4.29 -10.73
N VAL B 227 -1.86 -3.88 -10.33
CA VAL B 227 -2.03 -2.58 -9.62
C VAL B 227 -1.02 -2.40 -8.43
N THR B 228 -0.67 -3.52 -7.79
CA THR B 228 0.31 -3.59 -6.70
C THR B 228 1.77 -3.29 -7.10
N GLY B 229 2.12 -3.41 -8.37
CA GLY B 229 3.46 -3.06 -8.81
C GLY B 229 3.80 -1.59 -8.86
N TYR B 230 2.84 -0.70 -8.54
CA TYR B 230 3.01 0.77 -8.63
C TYR B 230 2.56 1.39 -7.32
N MET B 231 3.39 2.21 -6.70
CA MET B 231 3.12 2.80 -5.38
C MET B 231 1.71 3.38 -5.17
N PHE B 232 1.19 4.10 -6.15
CA PHE B 232 -0.11 4.70 -6.15
C PHE B 232 -1.03 4.16 -7.22
N GLY B 233 -0.82 2.90 -7.57
CA GLY B 233 -1.64 2.25 -8.58
C GLY B 233 -1.29 2.68 -9.99
N LYS B 234 -2.20 2.36 -10.91
CA LYS B 234 -1.96 2.53 -12.28
C LYS B 234 -2.40 3.90 -12.77
N GLY B 235 -1.44 4.83 -12.77
CA GLY B 235 -1.67 6.16 -13.29
C GLY B 235 -0.46 6.69 -14.00
N ILE B 236 -0.41 8.02 -14.18
CA ILE B 236 0.73 8.71 -14.82
C ILE B 236 1.32 9.62 -13.77
N TYR B 237 2.61 9.41 -13.48
CA TYR B 237 3.30 10.02 -12.37
C TYR B 237 4.22 11.15 -12.84
N PHE B 238 4.27 12.20 -12.04
CA PHE B 238 5.04 13.39 -12.27
C PHE B 238 5.72 13.82 -11.02
N ALA B 239 6.75 14.67 -11.18
CA ALA B 239 7.43 15.32 -10.08
C ALA B 239 7.58 16.82 -10.25
N ASP B 240 7.80 17.49 -9.11
CA ASP B 240 8.13 18.92 -9.11
C ASP B 240 9.59 19.21 -8.87
N MET B 241 10.42 18.18 -8.72
CA MET B 241 11.88 18.28 -8.59
C MET B 241 12.46 17.68 -9.84
N VAL B 242 13.29 18.45 -10.57
CA VAL B 242 13.80 17.98 -11.87
C VAL B 242 14.61 16.72 -11.68
N SER B 243 15.42 16.66 -10.61
CA SER B 243 16.29 15.52 -10.34
C SER B 243 15.53 14.26 -9.99
N LYS B 244 14.37 14.41 -9.33
CA LYS B 244 13.58 13.18 -9.03
C LYS B 244 13.09 12.54 -10.34
N SER B 245 12.61 13.33 -11.28
CA SER B 245 12.23 12.81 -12.59
C SER B 245 13.47 12.38 -13.37
N ALA B 246 14.58 13.10 -13.26
CA ALA B 246 15.75 12.77 -14.09
C ALA B 246 16.37 11.43 -13.74
N ASN B 247 16.15 10.98 -12.48
CA ASN B 247 16.65 9.69 -12.00
C ASN B 247 15.98 8.61 -12.82
N TYR B 248 14.74 8.85 -13.22
CA TYR B 248 13.98 7.94 -14.08
C TYR B 248 14.34 7.93 -15.57
N CYS B 249 15.23 8.81 -16.04
CA CYS B 249 15.83 8.62 -17.34
C CYS B 249 16.75 7.38 -17.37
N HIS B 250 17.32 6.99 -16.22
CA HIS B 250 18.29 5.88 -16.11
C HIS B 250 19.47 6.10 -16.99
N THR B 251 20.00 7.30 -16.97
CA THR B 251 21.17 7.58 -17.73
C THR B 251 22.31 7.08 -16.87
N SER B 252 23.46 6.94 -17.51
CA SER B 252 24.67 6.45 -16.85
C SER B 252 25.90 7.13 -17.44
N GLN B 253 27.06 6.87 -16.87
CA GLN B 253 28.30 7.32 -17.49
C GLN B 253 28.47 6.84 -18.92
N GLY B 254 27.95 5.65 -19.21
CA GLY B 254 28.01 5.07 -20.56
C GLY B 254 27.24 5.86 -21.59
N ASP B 255 25.98 6.22 -21.27
CA ASP B 255 25.11 7.10 -22.13
C ASP B 255 24.53 8.18 -21.24
N PRO B 256 25.24 9.32 -21.13
CA PRO B 256 24.90 10.34 -20.15
C PRO B 256 23.93 11.43 -20.67
N ILE B 257 23.23 11.19 -21.77
CA ILE B 257 22.33 12.18 -22.33
C ILE B 257 20.97 11.62 -22.06
N GLY B 258 20.04 12.42 -21.55
CA GLY B 258 18.66 11.93 -21.31
C GLY B 258 17.62 12.91 -21.82
N LEU B 259 16.38 12.43 -21.85
CA LEU B 259 15.20 13.20 -22.17
C LEU B 259 14.20 13.20 -21.04
N ILE B 260 13.65 14.38 -20.77
CA ILE B 260 12.63 14.60 -19.75
C ILE B 260 11.51 15.49 -20.33
N LEU B 261 10.26 15.25 -19.96
CA LEU B 261 9.11 16.08 -20.40
C LEU B 261 8.72 17.11 -19.33
N LEU B 262 8.13 18.20 -19.78
CA LEU B 262 7.35 19.07 -18.93
C LEU B 262 5.94 18.96 -19.46
N GLY B 263 5.00 18.64 -18.58
CA GLY B 263 3.58 18.52 -18.94
C GLY B 263 2.69 19.42 -18.08
N GLU B 264 1.66 20.01 -18.66
CA GLU B 264 0.59 20.68 -17.89
C GLU B 264 -0.31 19.57 -17.47
N VAL B 265 -0.40 19.38 -16.18
CA VAL B 265 -1.18 18.29 -15.62
C VAL B 265 -2.34 18.93 -14.81
N ALA B 266 -3.57 18.52 -15.12
CA ALA B 266 -4.78 19.00 -14.40
C ALA B 266 -5.04 18.21 -13.13
N LEU B 267 -4.61 18.76 -12.00
CA LEU B 267 -4.57 18.05 -10.74
C LEU B 267 -5.82 18.21 -9.88
N GLY B 268 -6.55 19.31 -10.13
CA GLY B 268 -7.79 19.65 -9.43
C GLY B 268 -7.69 19.44 -7.97
N ASN B 269 -8.67 18.73 -7.43
CA ASN B 269 -8.61 18.28 -6.07
C ASN B 269 -7.64 17.12 -5.86
N MET B 270 -6.67 17.34 -4.99
CA MET B 270 -5.61 16.39 -4.79
C MET B 270 -5.95 15.53 -3.57
N TYR B 271 -5.89 14.22 -3.74
CA TYR B 271 -5.98 13.30 -2.63
C TYR B 271 -4.56 13.04 -2.13
N GLU B 272 -4.30 13.39 -0.87
CA GLU B 272 -2.99 13.55 -0.37
C GLU B 272 -2.59 12.38 0.47
N LEU B 273 -1.42 11.81 0.20
CA LEU B 273 -1.05 10.50 0.72
C LEU B 273 0.40 10.47 1.13
N LYS B 274 0.67 9.79 2.22
CA LYS B 274 2.00 9.69 2.73
C LYS B 274 2.65 8.34 2.47
N HIS B 275 1.85 7.33 2.13
CA HIS B 275 2.34 5.95 1.94
C HIS B 275 1.54 5.30 0.86
N ALA B 276 2.01 4.13 0.43
CA ALA B 276 1.51 3.44 -0.72
C ALA B 276 0.04 3.21 -0.60
N SER B 277 -0.62 3.39 -1.73
CA SER B 277 -2.03 3.17 -1.80
C SER B 277 -2.34 2.68 -3.23
N HIS B 278 -2.55 1.36 -3.39
CA HIS B 278 -2.59 0.72 -4.71
C HIS B 278 -3.98 0.78 -5.30
N ILE B 279 -4.35 1.91 -5.85
CA ILE B 279 -5.76 2.12 -6.22
C ILE B 279 -5.91 2.03 -7.72
N SER B 280 -7.12 1.70 -8.19
CA SER B 280 -7.43 1.81 -9.64
C SER B 280 -8.30 3.03 -9.99
N LYS B 281 -9.27 3.37 -9.13
CA LYS B 281 -10.03 4.66 -9.28
C LYS B 281 -9.84 5.59 -8.07
N LEU B 282 -10.26 6.83 -8.24
CA LEU B 282 -10.16 7.82 -7.17
C LEU B 282 -11.46 7.95 -6.42
N PRO B 283 -11.43 8.40 -5.16
CA PRO B 283 -12.72 8.75 -4.54
C PRO B 283 -13.47 9.80 -5.41
N LYS B 284 -14.79 9.72 -5.48
CA LYS B 284 -15.58 10.68 -6.31
C LYS B 284 -15.29 12.12 -5.94
N GLY B 285 -15.17 12.98 -6.95
CA GLY B 285 -14.69 14.37 -6.76
C GLY B 285 -13.19 14.64 -6.52
N LYS B 286 -12.34 13.60 -6.41
CA LYS B 286 -10.89 13.78 -6.35
C LYS B 286 -10.36 13.56 -7.75
N HIS B 287 -9.41 14.41 -8.20
CA HIS B 287 -8.87 14.31 -9.62
C HIS B 287 -7.42 13.82 -9.76
N SER B 288 -6.65 13.78 -8.66
CA SER B 288 -5.27 13.38 -8.73
C SER B 288 -4.88 12.92 -7.38
N VAL B 289 -3.73 12.24 -7.26
CA VAL B 289 -3.11 12.02 -5.96
C VAL B 289 -1.89 12.89 -5.84
N LYS B 290 -1.62 13.33 -4.61
CA LYS B 290 -0.32 13.91 -4.27
C LYS B 290 0.36 13.15 -3.16
N GLY B 291 1.52 12.60 -3.49
CA GLY B 291 2.38 11.87 -2.56
C GLY B 291 3.15 13.00 -1.90
N LEU B 292 2.91 13.20 -0.61
CA LEU B 292 3.52 14.33 0.13
C LEU B 292 4.97 14.04 0.40
N GLY B 293 5.86 14.96 0.02
CA GLY B 293 7.28 14.76 0.28
C GLY B 293 7.75 15.42 1.56
N LYS B 294 8.88 14.94 2.07
CA LYS B 294 9.58 15.54 3.22
C LYS B 294 10.07 16.98 2.88
N THR B 295 10.49 17.18 1.63
CA THR B 295 10.89 18.49 1.09
C THR B 295 9.98 18.91 -0.06
N THR B 296 9.71 20.21 -0.20
CA THR B 296 8.81 20.75 -1.24
C THR B 296 9.31 22.08 -1.81
N PRO B 297 8.92 22.41 -3.05
CA PRO B 297 9.33 23.73 -3.52
C PRO B 297 8.68 24.88 -2.76
N ASP B 298 9.54 25.64 -2.06
CA ASP B 298 9.11 26.83 -1.37
C ASP B 298 7.96 27.50 -2.12
N PRO B 299 6.73 27.43 -1.58
CA PRO B 299 5.55 27.87 -2.34
C PRO B 299 5.46 29.34 -2.65
N SER B 300 6.16 30.18 -1.90
CA SER B 300 6.18 31.61 -2.19
C SER B 300 6.97 31.98 -3.44
N ALA B 301 7.71 31.03 -4.03
CA ALA B 301 8.43 31.27 -5.30
C ALA B 301 7.69 30.79 -6.56
N ASN B 302 6.43 30.37 -6.42
CA ASN B 302 5.60 29.97 -7.57
C ASN B 302 5.44 31.07 -8.61
N ILE B 303 5.37 30.67 -9.87
CA ILE B 303 5.29 31.53 -11.05
C ILE B 303 4.20 30.95 -11.95
N SER B 304 3.70 31.74 -12.89
CA SER B 304 2.67 31.30 -13.84
C SER B 304 3.16 31.46 -15.27
N LEU B 305 3.40 30.35 -15.96
CA LEU B 305 3.75 30.36 -17.39
C LEU B 305 2.51 29.96 -18.14
N ASP B 306 2.00 30.83 -19.01
CA ASP B 306 0.87 30.50 -19.91
C ASP B 306 -0.38 30.13 -19.09
N GLY B 307 -0.56 30.79 -17.95
CA GLY B 307 -1.65 30.48 -17.02
C GLY B 307 -1.52 29.15 -16.27
N VAL B 308 -0.31 28.59 -16.20
CA VAL B 308 -0.08 27.34 -15.47
C VAL B 308 0.91 27.58 -14.33
N ASP B 309 0.63 27.11 -13.12
CA ASP B 309 1.66 27.25 -12.05
C ASP B 309 2.95 26.43 -12.30
N VAL B 310 4.08 27.09 -12.12
CA VAL B 310 5.39 26.44 -12.20
C VAL B 310 6.01 26.49 -10.81
N PRO B 311 6.24 25.33 -10.16
CA PRO B 311 6.78 25.30 -8.80
C PRO B 311 8.29 25.29 -8.80
N LEU B 312 8.90 26.42 -9.11
CA LEU B 312 10.33 26.46 -9.28
C LEU B 312 11.07 26.91 -7.99
N GLY B 313 10.37 26.96 -6.85
CA GLY B 313 11.03 27.27 -5.56
C GLY B 313 12.16 26.31 -5.18
N THR B 314 13.16 26.80 -4.47
CA THR B 314 14.18 25.88 -3.98
C THR B 314 13.60 25.13 -2.77
N GLY B 315 14.30 24.07 -2.37
CA GLY B 315 13.77 23.08 -1.47
C GLY B 315 13.77 23.52 -0.02
N ILE B 316 12.59 23.41 0.62
CA ILE B 316 12.43 23.58 2.09
C ILE B 316 11.54 22.47 2.72
N SER B 317 11.68 22.29 4.04
CA SER B 317 10.76 21.45 4.81
C SER B 317 9.28 21.73 4.48
N SER B 318 8.53 20.67 4.15
CA SER B 318 7.10 20.73 3.86
C SER B 318 6.23 20.93 5.12
N GLY B 319 6.78 20.53 6.26
CA GLY B 319 6.07 20.54 7.53
C GLY B 319 5.17 19.32 7.67
N VAL B 320 5.62 18.17 7.10
CA VAL B 320 4.90 16.89 7.13
C VAL B 320 5.81 15.88 7.82
N ASN B 321 5.32 15.33 8.92
CA ASN B 321 6.09 14.46 9.83
C ASN B 321 6.49 13.12 9.20
N ASP B 322 5.49 12.24 9.03
CA ASP B 322 5.71 10.83 8.71
C ASP B 322 5.19 10.54 7.33
N THR B 323 6.13 10.29 6.42
CA THR B 323 5.84 10.01 5.02
C THR B 323 6.90 9.09 4.49
N SER B 324 6.55 8.27 3.52
CA SER B 324 7.49 7.35 2.90
C SER B 324 8.34 8.08 1.82
N LEU B 325 8.07 9.37 1.57
CA LEU B 325 8.54 10.06 0.39
C LEU B 325 9.46 11.24 0.69
N LEU B 326 10.64 11.20 0.08
CA LEU B 326 11.60 12.30 0.18
C LEU B 326 11.07 13.56 -0.49
N TYR B 327 10.52 13.43 -1.70
CA TYR B 327 9.93 14.59 -2.44
C TYR B 327 8.57 14.25 -2.95
N ASN B 328 7.87 15.32 -3.34
CA ASN B 328 6.52 15.23 -3.86
C ASN B 328 6.42 14.41 -5.16
N GLU B 329 5.20 14.08 -5.51
CA GLU B 329 4.91 13.21 -6.60
C GLU B 329 3.45 13.44 -6.88
N TYR B 330 3.05 13.39 -8.14
CA TYR B 330 1.71 13.67 -8.51
C TYR B 330 1.28 12.62 -9.49
N ILE B 331 0.04 12.17 -9.35
CA ILE B 331 -0.46 11.05 -10.14
C ILE B 331 -1.81 11.36 -10.64
N VAL B 332 -2.04 11.13 -11.93
CA VAL B 332 -3.39 11.18 -12.49
C VAL B 332 -3.79 9.87 -13.10
N TYR B 333 -5.09 9.64 -13.21
CA TYR B 333 -5.62 8.31 -13.56
C TYR B 333 -6.52 8.33 -14.75
N ASP B 334 -6.49 9.44 -15.51
CA ASP B 334 -7.11 9.56 -16.82
C ASP B 334 -6.06 10.26 -17.71
N ILE B 335 -5.82 9.68 -18.88
CA ILE B 335 -4.82 10.17 -19.79
C ILE B 335 -5.13 11.60 -20.32
N ALA B 336 -6.41 11.97 -20.35
CA ALA B 336 -6.85 13.24 -20.88
C ALA B 336 -6.44 14.39 -20.00
N GLN B 337 -6.22 14.16 -18.72
CA GLN B 337 -5.70 15.19 -17.83
C GLN B 337 -4.23 15.65 -18.05
N VAL B 338 -3.55 15.16 -19.09
CA VAL B 338 -2.15 15.53 -19.36
C VAL B 338 -2.02 16.22 -20.73
N ASN B 339 -1.32 17.35 -20.79
CA ASN B 339 -1.00 18.06 -22.07
C ASN B 339 0.50 18.33 -22.07
N LEU B 340 1.23 17.60 -22.94
CA LEU B 340 2.70 17.63 -22.93
C LEU B 340 3.04 18.91 -23.61
N LYS B 341 4.00 19.63 -23.05
CA LYS B 341 4.29 21.01 -23.49
C LYS B 341 5.74 21.13 -23.98
N TYR B 342 6.71 20.71 -23.17
CA TYR B 342 8.11 20.70 -23.59
C TYR B 342 8.79 19.34 -23.39
N LEU B 343 9.78 19.11 -24.22
CA LEU B 343 10.73 18.00 -24.11
C LEU B 343 12.16 18.62 -23.99
N LEU B 344 12.86 18.35 -22.88
CA LEU B 344 14.24 18.80 -22.67
C LEU B 344 15.23 17.68 -22.95
N LYS B 345 16.33 18.01 -23.66
CA LYS B 345 17.44 17.12 -23.79
C LYS B 345 18.46 17.57 -22.79
N LEU B 346 18.85 16.67 -21.88
CA LEU B 346 19.73 16.97 -20.78
C LEU B 346 21.02 16.19 -20.80
N LYS B 347 22.10 16.86 -20.42
CA LYS B 347 23.37 16.20 -20.27
C LYS B 347 23.54 15.97 -18.79
N PHE B 348 23.76 14.71 -18.43
CA PHE B 348 24.09 14.35 -17.06
C PHE B 348 25.62 14.36 -16.86
N ASN B 349 26.15 15.16 -15.96
CA ASN B 349 27.59 15.13 -15.63
C ASN B 349 27.81 14.41 -14.27
N PHE B 350 28.22 13.13 -14.32
CA PHE B 350 28.38 12.32 -13.11
C PHE B 350 29.66 12.68 -12.38
N LYS B 351 29.57 12.93 -11.07
CA LYS B 351 30.70 13.46 -10.31
C LYS B 351 31.59 12.38 -9.77
N THR B 352 30.97 11.24 -9.43
CA THR B 352 31.65 10.08 -8.84
C THR B 352 32.64 9.43 -9.84
#